data_1LGN
#
_entry.id   1LGN
#
_cell.length_a   190.030
_cell.length_b   190.030
_cell.length_c   119.740
_cell.angle_alpha   90.00
_cell.angle_beta   90.00
_cell.angle_gamma   90.00
#
_symmetry.space_group_name_H-M   'P 41 21 2'
#
loop_
_entity.id
_entity.type
_entity.pdbx_description
1 polymer 'SERUM AMYLOID P COMPONENT'
2 non-polymer 'CALCIUM ION'
3 non-polymer "2'-DEOXYADENOSINE-5'-MONOPHOSPHATE"
#
_entity_poly.entity_id   1
_entity_poly.type   'polypeptide(L)'
_entity_poly.pdbx_seq_one_letter_code
;HTDLSGKVFVFPRESVTDHVNLITPLEKPLQNFTLCFRAYSDLSRAYSLFSYNTQGRDNELLVYKERVGEYSLYIGRHKV
TSKVIEKFPAPVHICVSWESSSGIAEFWINGTPLVKKGLRQGYFVEAQPKIVLGQEQDSYGGKFDRSQSFVGEIGDLYMW
DSVLPPENILSAYQGTPLPANILDWQALNYEIRGYVIIKPLVWV
;
_entity_poly.pdbx_strand_id   A,B,C,D,E
#
# COMPACT_ATOMS: atom_id res chain seq x y z
N HIS A 1 15.16 -36.52 26.03
CA HIS A 1 15.20 -35.30 26.87
C HIS A 1 16.24 -34.31 26.31
N THR A 2 15.91 -33.57 25.25
CA THR A 2 16.85 -32.59 24.68
C THR A 2 16.30 -31.18 24.74
N ASP A 3 17.16 -30.22 25.09
CA ASP A 3 16.76 -28.82 25.18
C ASP A 3 17.09 -28.12 23.88
N LEU A 4 16.08 -27.94 23.04
CA LEU A 4 16.26 -27.28 21.76
C LEU A 4 16.17 -25.76 21.85
N SER A 5 16.29 -25.20 23.04
CA SER A 5 16.23 -23.76 23.24
C SER A 5 17.16 -23.01 22.32
N GLY A 6 16.63 -21.97 21.67
CA GLY A 6 17.42 -21.16 20.76
C GLY A 6 17.80 -21.82 19.45
N LYS A 7 17.14 -22.90 19.11
CA LYS A 7 17.42 -23.61 17.88
C LYS A 7 16.10 -23.95 17.19
N VAL A 8 16.21 -24.49 15.99
CA VAL A 8 15.04 -24.84 15.21
C VAL A 8 15.38 -26.00 14.31
N PHE A 9 14.35 -26.73 13.88
CA PHE A 9 14.53 -27.82 12.94
C PHE A 9 14.39 -27.15 11.56
N VAL A 10 15.35 -27.35 10.68
CA VAL A 10 15.21 -26.79 9.36
C VAL A 10 15.06 -27.91 8.37
N PHE A 11 13.90 -27.99 7.71
CA PHE A 11 13.63 -29.01 6.68
C PHE A 11 14.02 -28.25 5.40
N PRO A 12 15.23 -28.52 4.88
CA PRO A 12 15.80 -27.89 3.69
C PRO A 12 15.30 -28.24 2.28
N ARG A 13 14.41 -29.21 2.13
CA ARG A 13 13.95 -29.55 0.79
C ARG A 13 12.63 -30.27 0.70
N GLU A 14 12.00 -30.16 -0.46
CA GLU A 14 10.73 -30.80 -0.68
C GLU A 14 10.98 -32.29 -0.85
N SER A 15 10.28 -33.10 -0.07
CA SER A 15 10.44 -34.55 -0.15
C SER A 15 9.22 -35.27 0.42
N VAL A 16 9.24 -36.59 0.33
CA VAL A 16 8.18 -37.42 0.87
C VAL A 16 8.93 -38.36 1.83
N THR A 17 10.00 -37.83 2.42
CA THR A 17 10.89 -38.58 3.29
C THR A 17 11.28 -37.91 4.61
N ASP A 18 11.79 -36.70 4.51
CA ASP A 18 12.24 -36.01 5.69
C ASP A 18 11.09 -35.69 6.64
N HIS A 19 11.34 -35.89 7.92
CA HIS A 19 10.38 -35.59 8.96
C HIS A 19 10.97 -35.84 10.32
N VAL A 20 10.28 -35.37 11.35
CA VAL A 20 10.71 -35.55 12.71
C VAL A 20 9.56 -36.18 13.48
N ASN A 21 9.85 -37.16 14.32
CA ASN A 21 8.83 -37.82 15.13
C ASN A 21 8.92 -37.27 16.55
N LEU A 22 7.86 -36.62 17.00
CA LEU A 22 7.78 -36.09 18.36
C LEU A 22 7.18 -37.20 19.25
N ILE A 23 7.78 -37.44 20.41
CA ILE A 23 7.33 -38.50 21.32
C ILE A 23 6.84 -37.85 22.61
N THR A 24 5.57 -38.06 22.97
CA THR A 24 5.03 -37.41 24.16
C THR A 24 4.84 -38.25 25.41
N PRO A 25 5.22 -37.63 26.55
CA PRO A 25 5.07 -38.21 27.90
C PRO A 25 3.62 -38.41 28.37
N LEU A 26 2.59 -37.75 27.79
CA LEU A 26 1.22 -37.96 28.34
C LEU A 26 0.38 -38.92 27.48
N GLU A 27 -0.22 -39.89 28.19
CA GLU A 27 -1.00 -40.98 27.60
C GLU A 27 -2.51 -40.91 27.91
N LYS A 28 -3.05 -39.71 28.11
CA LYS A 28 -4.49 -39.55 28.32
C LYS A 28 -5.16 -39.01 27.08
N PRO A 29 -6.43 -39.37 26.82
CA PRO A 29 -7.19 -38.80 25.69
C PRO A 29 -7.32 -37.30 25.90
N LEU A 30 -7.21 -36.53 24.84
CA LEU A 30 -7.27 -35.09 24.96
C LEU A 30 -8.66 -34.52 24.96
N GLN A 31 -8.88 -33.58 25.88
CA GLN A 31 -10.17 -32.94 26.03
C GLN A 31 -10.01 -31.42 25.84
N ASN A 32 -8.88 -30.89 26.29
CA ASN A 32 -8.55 -29.47 26.17
C ASN A 32 -7.08 -29.45 25.79
N PHE A 33 -6.62 -28.40 25.11
CA PHE A 33 -5.19 -28.29 24.76
C PHE A 33 -4.85 -26.97 24.14
N THR A 34 -3.57 -26.65 24.09
CA THR A 34 -3.07 -25.41 23.50
C THR A 34 -1.75 -25.76 22.85
N LEU A 35 -1.57 -25.34 21.61
CA LEU A 35 -0.36 -25.62 20.86
C LEU A 35 0.24 -24.31 20.36
N CYS A 36 1.54 -24.14 20.55
CA CYS A 36 2.22 -22.92 20.09
C CYS A 36 3.57 -23.25 19.46
N PHE A 37 3.93 -22.53 18.40
CA PHE A 37 5.21 -22.74 17.72
C PHE A 37 5.48 -21.62 16.72
N ARG A 38 6.73 -21.52 16.27
CA ARG A 38 7.13 -20.54 15.27
C ARG A 38 7.43 -21.27 13.99
N ALA A 39 7.17 -20.64 12.87
CA ALA A 39 7.44 -21.25 11.58
C ALA A 39 7.91 -20.16 10.63
N TYR A 40 8.78 -20.54 9.69
CA TYR A 40 9.31 -19.62 8.71
C TYR A 40 9.46 -20.40 7.42
N SER A 41 8.65 -20.06 6.42
CA SER A 41 8.67 -20.73 5.14
C SER A 41 8.20 -19.82 4.00
N ASP A 42 8.73 -20.06 2.79
CA ASP A 42 8.35 -19.27 1.63
C ASP A 42 7.67 -20.13 0.57
N LEU A 43 7.01 -21.17 1.03
CA LEU A 43 6.26 -22.12 0.20
C LEU A 43 4.94 -21.42 -0.11
N SER A 44 4.53 -21.46 -1.37
CA SER A 44 3.28 -20.80 -1.75
C SER A 44 2.11 -21.74 -1.62
N ARG A 45 2.37 -23.02 -1.83
CA ARG A 45 1.34 -24.04 -1.75
C ARG A 45 0.87 -24.32 -0.31
N ALA A 46 -0.02 -25.29 -0.19
CA ALA A 46 -0.53 -25.68 1.12
C ALA A 46 0.46 -26.65 1.71
N TYR A 47 0.50 -26.70 3.02
CA TYR A 47 1.39 -27.61 3.68
C TYR A 47 0.97 -27.81 5.11
N SER A 48 1.28 -28.99 5.63
CA SER A 48 0.96 -29.36 7.00
C SER A 48 1.93 -28.75 8.02
N LEU A 49 1.40 -28.11 9.04
CA LEU A 49 2.25 -27.52 10.08
C LEU A 49 2.54 -28.50 11.24
N PHE A 50 1.54 -29.30 11.61
CA PHE A 50 1.64 -30.24 12.73
C PHE A 50 0.65 -31.37 12.53
N SER A 51 1.14 -32.58 12.33
CA SER A 51 0.27 -33.74 12.11
C SER A 51 0.22 -34.63 13.35
N TYR A 52 -0.97 -35.12 13.67
CA TYR A 52 -1.20 -35.96 14.84
C TYR A 52 -2.29 -36.99 14.52
N ASN A 53 -1.86 -38.24 14.34
CA ASN A 53 -2.76 -39.33 14.01
C ASN A 53 -2.69 -40.43 15.06
N THR A 54 -3.80 -41.14 15.22
CA THR A 54 -3.87 -42.25 16.15
C THR A 54 -4.28 -43.42 15.27
N GLN A 55 -4.08 -44.65 15.77
CA GLN A 55 -4.41 -45.84 14.98
C GLN A 55 -5.86 -45.84 14.47
N GLY A 56 -6.02 -45.99 13.17
CA GLY A 56 -7.35 -46.03 12.57
C GLY A 56 -8.05 -44.70 12.30
N ARG A 57 -7.49 -43.61 12.81
CA ARG A 57 -8.07 -42.30 12.60
C ARG A 57 -7.09 -41.30 12.00
N ASP A 58 -7.42 -40.82 10.81
CA ASP A 58 -6.62 -39.86 10.06
C ASP A 58 -7.03 -38.45 10.47
N ASN A 59 -6.08 -37.53 10.48
CA ASN A 59 -6.34 -36.15 10.87
C ASN A 59 -7.11 -36.10 12.18
N GLU A 60 -6.51 -36.67 13.23
CA GLU A 60 -7.15 -36.65 14.53
C GLU A 60 -6.96 -35.25 15.09
N LEU A 61 -5.79 -34.68 14.82
CA LEU A 61 -5.46 -33.31 15.22
C LEU A 61 -4.42 -32.87 14.21
N LEU A 62 -4.80 -31.94 13.34
CA LEU A 62 -3.93 -31.41 12.26
C LEU A 62 -4.03 -29.90 12.11
N VAL A 63 -2.89 -29.23 12.14
CA VAL A 63 -2.86 -27.79 11.94
C VAL A 63 -2.33 -27.65 10.51
N TYR A 64 -3.22 -27.33 9.57
CA TYR A 64 -2.90 -27.24 8.16
C TYR A 64 -2.99 -25.83 7.61
N LYS A 65 -2.07 -25.43 6.72
CA LYS A 65 -2.13 -24.09 6.14
C LYS A 65 -2.57 -24.14 4.66
N GLU A 66 -3.80 -23.71 4.44
CA GLU A 66 -4.45 -23.70 3.13
C GLU A 66 -3.78 -22.85 2.06
N ARG A 67 -3.45 -21.63 2.45
CA ARG A 67 -2.81 -20.65 1.60
C ARG A 67 -2.52 -19.45 2.48
N VAL A 68 -1.93 -18.40 1.91
CA VAL A 68 -1.58 -17.24 2.70
C VAL A 68 -2.74 -16.63 3.48
N GLY A 69 -2.53 -16.42 4.77
CA GLY A 69 -3.54 -15.82 5.62
C GLY A 69 -4.75 -16.68 5.88
N GLU A 70 -4.60 -17.99 5.69
CA GLU A 70 -5.69 -18.90 5.91
C GLU A 70 -5.23 -20.17 6.62
N TYR A 71 -5.59 -20.28 7.90
CA TYR A 71 -5.23 -21.42 8.75
C TYR A 71 -6.39 -22.36 9.11
N SER A 72 -6.17 -23.67 8.94
CA SER A 72 -7.17 -24.66 9.26
C SER A 72 -6.78 -25.54 10.43
N LEU A 73 -7.79 -26.07 11.12
CA LEU A 73 -7.60 -26.95 12.27
C LEU A 73 -8.56 -28.09 12.07
N TYR A 74 -8.05 -29.30 12.23
CA TYR A 74 -8.86 -30.50 12.12
C TYR A 74 -8.92 -31.17 13.49
N ILE A 75 -10.10 -31.60 13.91
CA ILE A 75 -10.29 -32.30 15.18
C ILE A 75 -11.16 -33.49 14.82
N GLY A 76 -10.57 -34.67 14.85
CA GLY A 76 -11.31 -35.86 14.52
C GLY A 76 -11.89 -35.77 13.13
N ARG A 77 -11.04 -35.48 12.16
CA ARG A 77 -11.46 -35.36 10.77
C ARG A 77 -12.37 -34.19 10.42
N HIS A 78 -12.76 -33.38 11.41
CA HIS A 78 -13.61 -32.22 11.17
C HIS A 78 -12.71 -31.02 11.02
N LYS A 79 -13.17 -29.98 10.36
CA LYS A 79 -12.30 -28.85 10.10
C LYS A 79 -12.88 -27.45 10.23
N VAL A 80 -12.05 -26.52 10.70
CA VAL A 80 -12.45 -25.12 10.77
C VAL A 80 -11.31 -24.30 10.13
N THR A 81 -11.64 -23.16 9.53
CA THR A 81 -10.62 -22.32 8.91
C THR A 81 -10.84 -20.87 9.31
N SER A 82 -9.77 -20.15 9.63
CA SER A 82 -9.92 -18.75 9.99
C SER A 82 -8.91 -17.90 9.26
N LYS A 83 -9.32 -16.71 8.87
CA LYS A 83 -8.47 -15.80 8.11
C LYS A 83 -7.77 -14.73 8.92
N VAL A 84 -6.64 -14.29 8.38
CA VAL A 84 -5.84 -13.26 9.00
C VAL A 84 -5.07 -12.50 7.92
N ILE A 85 -4.69 -11.26 8.22
CA ILE A 85 -3.95 -10.44 7.30
C ILE A 85 -2.47 -10.71 7.56
N GLU A 86 -1.74 -11.15 6.54
CA GLU A 86 -0.31 -11.41 6.74
C GLU A 86 0.55 -11.22 5.50
N LYS A 87 1.84 -10.91 5.73
CA LYS A 87 2.80 -10.70 4.67
C LYS A 87 3.38 -12.02 4.20
N PHE A 88 3.99 -12.03 3.03
CA PHE A 88 4.57 -13.26 2.50
C PHE A 88 5.82 -12.96 1.70
N PRO A 89 6.96 -13.59 2.05
CA PRO A 89 7.09 -14.54 3.16
C PRO A 89 7.44 -13.77 4.41
N ALA A 90 7.23 -14.40 5.56
CA ALA A 90 7.54 -13.80 6.86
C ALA A 90 7.35 -14.85 7.96
N PRO A 91 8.17 -14.76 9.03
CA PRO A 91 8.08 -15.68 10.17
C PRO A 91 6.73 -15.52 10.83
N VAL A 92 6.24 -16.57 11.49
CA VAL A 92 4.96 -16.49 12.16
C VAL A 92 4.95 -17.20 13.50
N HIS A 93 4.11 -16.74 14.43
CA HIS A 93 3.97 -17.37 15.72
C HIS A 93 2.52 -17.81 15.82
N ILE A 94 2.28 -19.12 15.81
CA ILE A 94 0.93 -19.66 15.87
C ILE A 94 0.62 -20.34 17.20
N CYS A 95 -0.57 -20.13 17.73
CA CYS A 95 -1.03 -20.78 18.97
C CYS A 95 -2.48 -21.14 18.69
N VAL A 96 -2.83 -22.41 18.71
CA VAL A 96 -4.21 -22.80 18.48
C VAL A 96 -4.64 -23.55 19.72
N SER A 97 -5.89 -23.37 20.14
CA SER A 97 -6.40 -24.06 21.32
C SER A 97 -7.80 -24.57 21.08
N TRP A 98 -8.12 -25.71 21.67
CA TRP A 98 -9.44 -26.30 21.51
C TRP A 98 -9.94 -26.75 22.87
N GLU A 99 -11.25 -26.77 23.01
CA GLU A 99 -11.88 -27.12 24.27
C GLU A 99 -13.16 -27.91 24.00
N SER A 100 -13.13 -29.21 24.29
CA SER A 100 -14.26 -30.11 24.06
C SER A 100 -15.63 -29.67 24.55
N SER A 101 -15.70 -29.13 25.75
CA SER A 101 -16.99 -28.71 26.30
C SER A 101 -17.78 -27.78 25.39
N SER A 102 -17.13 -26.75 24.88
CA SER A 102 -17.78 -25.79 24.00
C SER A 102 -17.51 -26.04 22.53
N GLY A 103 -16.42 -26.76 22.25
CA GLY A 103 -16.03 -27.05 20.88
C GLY A 103 -15.31 -25.88 20.23
N ILE A 104 -15.09 -24.81 20.99
CA ILE A 104 -14.44 -23.59 20.51
C ILE A 104 -12.94 -23.66 20.22
N ALA A 105 -12.60 -23.56 18.93
CA ALA A 105 -11.20 -23.55 18.46
C ALA A 105 -10.81 -22.09 18.46
N GLU A 106 -9.59 -21.79 18.90
CA GLU A 106 -9.14 -20.41 18.99
C GLU A 106 -7.72 -20.25 18.44
N PHE A 107 -7.55 -19.48 17.37
CA PHE A 107 -6.24 -19.25 16.77
C PHE A 107 -5.68 -17.92 17.22
N TRP A 108 -4.36 -17.83 17.36
CA TRP A 108 -3.69 -16.58 17.73
C TRP A 108 -2.45 -16.40 16.87
N ILE A 109 -2.58 -15.66 15.77
CA ILE A 109 -1.44 -15.42 14.88
C ILE A 109 -0.71 -14.17 15.32
N ASN A 110 0.57 -14.32 15.60
CA ASN A 110 1.42 -13.23 16.06
C ASN A 110 0.80 -12.41 17.17
N GLY A 111 0.37 -13.08 18.22
CA GLY A 111 -0.21 -12.38 19.35
C GLY A 111 -1.54 -11.71 19.04
N THR A 112 -2.15 -12.09 17.92
CA THR A 112 -3.42 -11.51 17.54
C THR A 112 -4.45 -12.60 17.41
N PRO A 113 -5.60 -12.44 18.09
CA PRO A 113 -6.66 -13.43 18.06
C PRO A 113 -7.50 -13.37 16.82
N LEU A 114 -7.66 -14.50 16.16
CA LEU A 114 -8.51 -14.55 14.98
C LEU A 114 -9.93 -14.85 15.48
N VAL A 115 -10.91 -14.86 14.57
CA VAL A 115 -12.28 -15.13 14.95
C VAL A 115 -12.42 -16.59 15.38
N LYS A 116 -13.19 -16.82 16.45
CA LYS A 116 -13.41 -18.17 16.98
C LYS A 116 -14.35 -18.99 16.10
N LYS A 117 -14.08 -20.29 15.99
CA LYS A 117 -14.92 -21.20 15.22
C LYS A 117 -15.16 -22.38 16.16
N GLY A 118 -16.15 -23.21 15.85
CA GLY A 118 -16.42 -24.32 16.72
C GLY A 118 -16.57 -25.62 15.98
N LEU A 119 -16.06 -26.70 16.58
CA LEU A 119 -16.17 -28.02 15.98
C LEU A 119 -16.04 -29.11 17.06
N ARG A 120 -16.60 -30.27 16.75
CA ARG A 120 -16.57 -31.47 17.61
C ARG A 120 -16.76 -31.20 19.10
N GLN A 121 -17.87 -30.57 19.44
CA GLN A 121 -18.17 -30.28 20.83
C GLN A 121 -18.42 -31.61 21.55
N GLY A 122 -17.70 -31.84 22.64
CA GLY A 122 -17.88 -33.06 23.42
C GLY A 122 -17.14 -34.28 22.90
N TYR A 123 -16.09 -34.04 22.11
CA TYR A 123 -15.28 -35.10 21.54
C TYR A 123 -14.01 -35.16 22.36
N PHE A 124 -13.29 -36.26 22.22
CA PHE A 124 -12.03 -36.46 22.91
C PHE A 124 -11.05 -36.93 21.87
N VAL A 125 -9.94 -36.20 21.72
CA VAL A 125 -8.96 -36.62 20.73
C VAL A 125 -8.25 -37.84 21.31
N GLU A 126 -8.23 -38.91 20.53
CA GLU A 126 -7.59 -40.16 20.93
C GLU A 126 -6.19 -40.06 21.49
N ALA A 127 -5.79 -41.08 22.25
CA ALA A 127 -4.45 -41.11 22.83
C ALA A 127 -3.58 -42.05 22.02
N GLN A 128 -2.32 -42.17 22.43
CA GLN A 128 -1.34 -43.00 21.71
C GLN A 128 -1.27 -42.47 20.28
N PRO A 129 -0.88 -41.17 20.14
CA PRO A 129 -0.80 -40.60 18.81
C PRO A 129 0.54 -40.80 18.18
N LYS A 130 0.62 -40.40 16.92
CA LYS A 130 1.84 -40.47 16.12
C LYS A 130 1.95 -39.04 15.67
N ILE A 131 2.85 -38.27 16.27
CA ILE A 131 3.03 -36.86 15.93
C ILE A 131 4.21 -36.57 15.01
N VAL A 132 3.97 -36.19 13.75
CA VAL A 132 5.10 -35.88 12.87
C VAL A 132 5.17 -34.41 12.48
N LEU A 133 6.39 -33.96 12.23
CA LEU A 133 6.66 -32.60 11.83
C LEU A 133 7.27 -32.72 10.45
N GLY A 134 6.87 -31.86 9.51
CA GLY A 134 7.45 -31.90 8.19
C GLY A 134 6.74 -32.72 7.11
N GLN A 135 5.72 -33.46 7.50
CA GLN A 135 4.96 -34.26 6.56
C GLN A 135 3.53 -34.36 7.05
N GLU A 136 2.64 -34.85 6.20
CA GLU A 136 1.25 -34.97 6.60
C GLU A 136 0.90 -36.44 6.51
N GLN A 137 0.62 -37.03 7.67
CA GLN A 137 0.30 -38.44 7.73
C GLN A 137 -1.07 -38.74 7.18
N ASP A 138 -1.19 -39.87 6.51
CA ASP A 138 -2.48 -40.34 6.00
C ASP A 138 -2.68 -41.73 6.55
N SER A 139 -1.77 -42.12 7.43
CA SER A 139 -1.79 -43.40 8.11
C SER A 139 -1.13 -43.17 9.48
N TYR A 140 -1.02 -44.21 10.30
CA TYR A 140 -0.43 -44.07 11.62
C TYR A 140 1.09 -43.92 11.51
N GLY A 141 1.53 -42.67 11.36
CA GLY A 141 2.95 -42.39 11.24
C GLY A 141 3.48 -42.47 9.82
N GLY A 142 2.61 -42.71 8.86
CA GLY A 142 3.08 -42.80 7.49
C GLY A 142 2.20 -42.25 6.38
N LYS A 143 2.36 -42.83 5.20
CA LYS A 143 1.66 -42.43 3.98
C LYS A 143 1.71 -40.92 3.74
N PHE A 144 2.92 -40.42 3.56
CA PHE A 144 3.20 -39.01 3.33
C PHE A 144 2.90 -38.56 1.91
N ASP A 145 2.37 -37.34 1.79
CA ASP A 145 2.09 -36.74 0.50
C ASP A 145 2.92 -35.46 0.33
N ARG A 146 3.82 -35.60 -0.66
CA ARG A 146 4.84 -34.63 -1.07
C ARG A 146 4.31 -33.25 -1.27
N SER A 147 3.13 -33.16 -1.81
CA SER A 147 2.53 -31.88 -2.06
C SER A 147 2.00 -31.22 -0.79
N GLN A 148 2.20 -31.89 0.34
CA GLN A 148 1.77 -31.36 1.62
C GLN A 148 2.96 -31.19 2.55
N SER A 149 4.15 -31.55 2.06
CA SER A 149 5.38 -31.44 2.83
C SER A 149 5.74 -30.00 3.20
N PHE A 150 6.21 -29.79 4.41
CA PHE A 150 6.58 -28.46 4.85
C PHE A 150 8.07 -28.32 4.65
N VAL A 151 8.49 -27.23 4.00
CA VAL A 151 9.91 -26.98 3.83
C VAL A 151 10.15 -25.59 4.34
N GLY A 152 11.01 -25.48 5.35
CA GLY A 152 11.28 -24.20 5.96
C GLY A 152 11.79 -24.48 7.35
N GLU A 153 11.52 -23.63 8.31
CA GLU A 153 12.04 -23.81 9.65
C GLU A 153 10.95 -23.81 10.74
N ILE A 154 11.12 -24.61 11.79
CA ILE A 154 10.16 -24.66 12.91
C ILE A 154 10.91 -24.63 14.23
N GLY A 155 10.40 -23.87 15.19
CA GLY A 155 11.05 -23.77 16.48
C GLY A 155 10.02 -23.45 17.54
N ASP A 156 10.49 -23.36 18.79
CA ASP A 156 9.64 -23.04 19.93
C ASP A 156 8.28 -23.72 20.07
N LEU A 157 8.24 -25.05 19.84
CA LEU A 157 7.02 -25.84 19.95
C LEU A 157 6.74 -26.18 21.42
N TYR A 158 5.50 -25.95 21.86
CA TYR A 158 5.06 -26.25 23.22
C TYR A 158 3.62 -26.66 23.11
N MET A 159 3.20 -27.61 23.94
CA MET A 159 1.81 -28.07 23.95
C MET A 159 1.37 -28.38 25.37
N TRP A 160 0.33 -27.69 25.82
CA TRP A 160 -0.21 -27.87 27.14
C TRP A 160 -1.50 -28.65 27.04
N ASP A 161 -1.94 -29.23 28.15
CA ASP A 161 -3.18 -29.99 28.13
C ASP A 161 -4.36 -29.13 28.59
N SER A 162 -4.12 -27.83 28.76
CA SER A 162 -5.17 -26.93 29.15
C SER A 162 -5.34 -25.84 28.09
N VAL A 163 -6.37 -25.02 28.26
CA VAL A 163 -6.61 -23.93 27.34
C VAL A 163 -6.05 -22.65 27.93
N LEU A 164 -4.86 -22.26 27.48
CA LEU A 164 -4.18 -21.06 27.96
C LEU A 164 -4.93 -19.75 27.73
N PRO A 165 -4.87 -18.83 28.72
CA PRO A 165 -5.51 -17.51 28.68
C PRO A 165 -4.65 -16.53 27.90
N PRO A 166 -5.25 -15.42 27.42
CA PRO A 166 -4.52 -14.42 26.66
C PRO A 166 -3.14 -14.08 27.16
N GLU A 167 -3.00 -13.85 28.47
CA GLU A 167 -1.70 -13.49 29.05
C GLU A 167 -0.67 -14.53 28.74
N ASN A 168 -1.05 -15.79 28.89
CA ASN A 168 -0.13 -16.90 28.67
C ASN A 168 0.25 -17.11 27.21
N ILE A 169 -0.66 -16.71 26.32
CA ILE A 169 -0.42 -16.81 24.88
C ILE A 169 0.66 -15.78 24.53
N LEU A 170 0.42 -14.53 24.94
CA LEU A 170 1.35 -13.46 24.66
C LEU A 170 2.72 -13.68 25.25
N SER A 171 2.79 -14.36 26.38
CA SER A 171 4.09 -14.63 26.99
C SER A 171 4.86 -15.57 26.09
N ALA A 172 4.19 -16.62 25.63
CA ALA A 172 4.81 -17.61 24.77
C ALA A 172 5.32 -16.91 23.52
N TYR A 173 4.51 -15.98 23.03
CA TYR A 173 4.82 -15.22 21.84
C TYR A 173 6.03 -14.33 22.07
N GLN A 174 6.10 -13.77 23.28
CA GLN A 174 7.19 -12.88 23.64
C GLN A 174 8.47 -13.61 24.03
N GLY A 175 8.41 -14.94 24.07
CA GLY A 175 9.60 -15.71 24.42
C GLY A 175 9.77 -16.21 25.84
N THR A 176 8.75 -16.05 26.68
CA THR A 176 8.82 -16.52 28.06
C THR A 176 7.59 -17.39 28.35
N PRO A 177 7.46 -18.52 27.63
CA PRO A 177 6.33 -19.44 27.78
C PRO A 177 6.22 -20.15 29.11
N LEU A 178 5.00 -20.56 29.44
CA LEU A 178 4.77 -21.32 30.65
C LEU A 178 5.26 -22.71 30.33
N PRO A 179 5.72 -23.47 31.34
CA PRO A 179 6.21 -24.82 31.11
C PRO A 179 5.09 -25.69 30.57
N ALA A 180 5.38 -26.38 29.48
CA ALA A 180 4.41 -27.24 28.83
C ALA A 180 4.47 -28.63 29.39
N ASN A 181 3.34 -29.33 29.35
CA ASN A 181 3.28 -30.67 29.87
C ASN A 181 3.07 -31.80 28.84
N ILE A 182 2.66 -31.46 27.62
CA ILE A 182 2.48 -32.50 26.63
C ILE A 182 3.67 -32.58 25.68
N LEU A 183 4.23 -31.42 25.36
CA LEU A 183 5.41 -31.30 24.47
C LEU A 183 6.14 -30.03 24.91
N ASP A 184 7.45 -30.12 25.19
CA ASP A 184 8.21 -28.94 25.62
C ASP A 184 9.52 -28.80 24.84
N TRP A 185 9.72 -27.64 24.25
CA TRP A 185 10.89 -27.39 23.43
C TRP A 185 12.19 -27.51 24.21
N GLN A 186 12.13 -27.20 25.50
CA GLN A 186 13.30 -27.25 26.34
C GLN A 186 13.56 -28.64 26.92
N ALA A 187 12.82 -29.63 26.45
CA ALA A 187 12.97 -31.00 26.94
C ALA A 187 12.22 -31.86 25.95
N LEU A 188 12.61 -31.77 24.69
CA LEU A 188 11.96 -32.49 23.61
C LEU A 188 12.48 -33.90 23.36
N ASN A 189 11.57 -34.79 23.03
CA ASN A 189 11.92 -36.17 22.76
C ASN A 189 11.61 -36.43 21.31
N TYR A 190 12.58 -36.26 20.43
CA TYR A 190 12.33 -36.44 19.01
C TYR A 190 13.12 -37.51 18.32
N GLU A 191 12.86 -37.68 17.03
CA GLU A 191 13.55 -38.68 16.25
C GLU A 191 13.62 -38.24 14.79
N ILE A 192 14.72 -37.60 14.44
CA ILE A 192 14.94 -37.14 13.08
C ILE A 192 15.04 -38.34 12.14
N ARG A 193 14.37 -38.23 11.00
CA ARG A 193 14.38 -39.27 9.97
C ARG A 193 14.42 -38.56 8.63
N GLY A 194 15.50 -38.76 7.89
CA GLY A 194 15.65 -38.11 6.60
C GLY A 194 16.55 -36.88 6.73
N TYR A 195 16.48 -35.98 5.75
CA TYR A 195 17.32 -34.81 5.78
C TYR A 195 16.71 -33.67 6.56
N VAL A 196 17.10 -33.51 7.81
CA VAL A 196 16.62 -32.38 8.59
C VAL A 196 17.70 -31.99 9.56
N ILE A 197 18.15 -30.75 9.43
CA ILE A 197 19.23 -30.14 10.20
C ILE A 197 18.72 -29.31 11.37
N ILE A 198 19.54 -29.17 12.41
CA ILE A 198 19.18 -28.35 13.56
C ILE A 198 20.12 -27.18 13.50
N LYS A 199 19.58 -25.98 13.61
CA LYS A 199 20.40 -24.78 13.55
C LYS A 199 19.84 -23.80 14.53
N PRO A 200 20.59 -22.75 14.82
CA PRO A 200 20.09 -21.76 15.77
C PRO A 200 19.02 -20.87 15.16
N LEU A 201 18.15 -20.34 16.02
CA LEU A 201 17.05 -19.48 15.59
C LEU A 201 17.57 -18.07 15.37
N VAL A 202 17.85 -17.74 14.12
CA VAL A 202 18.37 -16.40 13.77
C VAL A 202 17.33 -15.37 13.40
N TRP A 203 16.10 -15.80 13.10
CA TRP A 203 15.04 -14.90 12.67
C TRP A 203 14.05 -14.37 13.69
N VAL A 204 14.42 -14.42 14.96
CA VAL A 204 13.55 -13.92 16.00
C VAL A 204 14.37 -13.00 16.90
N HIS B 1 47.22 -5.97 -5.77
CA HIS B 1 45.93 -5.68 -5.08
C HIS B 1 45.62 -4.18 -5.01
N THR B 2 44.36 -3.85 -5.29
CA THR B 2 43.87 -2.47 -5.29
C THR B 2 42.77 -2.29 -4.25
N ASP B 3 42.75 -1.14 -3.59
CA ASP B 3 41.74 -0.84 -2.58
C ASP B 3 40.58 -0.07 -3.22
N LEU B 4 39.51 -0.80 -3.53
CA LEU B 4 38.35 -0.19 -4.16
C LEU B 4 37.38 0.41 -3.14
N SER B 5 37.86 0.64 -1.92
CA SER B 5 37.01 1.22 -0.88
C SER B 5 36.31 2.48 -1.34
N GLY B 6 35.02 2.56 -1.05
CA GLY B 6 34.22 3.73 -1.41
C GLY B 6 33.94 3.89 -2.89
N LYS B 7 34.15 2.83 -3.65
CA LYS B 7 33.94 2.83 -5.09
C LYS B 7 33.18 1.58 -5.52
N VAL B 8 32.77 1.56 -6.79
CA VAL B 8 32.02 0.43 -7.32
C VAL B 8 32.32 0.28 -8.78
N PHE B 9 32.13 -0.93 -9.30
CA PHE B 9 32.29 -1.19 -10.72
C PHE B 9 30.92 -0.90 -11.32
N VAL B 10 30.85 -0.03 -12.33
CA VAL B 10 29.58 0.22 -12.98
C VAL B 10 29.62 -0.35 -14.39
N PHE B 11 28.74 -1.31 -14.66
CA PHE B 11 28.60 -1.94 -15.98
C PHE B 11 27.47 -1.12 -16.56
N PRO B 12 27.81 -0.14 -17.42
CA PRO B 12 26.84 0.77 -18.04
C PRO B 12 25.94 0.32 -19.18
N ARG B 13 26.09 -0.89 -19.68
CA ARG B 13 25.25 -1.32 -20.79
C ARG B 13 25.15 -2.80 -20.96
N GLU B 14 24.10 -3.21 -21.67
CA GLU B 14 23.86 -4.61 -21.94
C GLU B 14 24.81 -5.05 -23.02
N SER B 15 25.55 -6.12 -22.76
CA SER B 15 26.51 -6.64 -23.71
C SER B 15 26.86 -8.09 -23.44
N VAL B 16 27.62 -8.67 -24.35
CA VAL B 16 28.08 -10.04 -24.21
C VAL B 16 29.62 -9.89 -24.21
N THR B 17 30.08 -8.73 -23.74
CA THR B 17 31.49 -8.38 -23.74
C THR B 17 32.07 -7.89 -22.44
N ASP B 18 31.46 -6.85 -21.89
CA ASP B 18 31.96 -6.27 -20.67
C ASP B 18 31.88 -7.22 -19.48
N HIS B 19 32.93 -7.19 -18.66
CA HIS B 19 33.02 -8.00 -17.45
C HIS B 19 34.32 -7.72 -16.73
N VAL B 20 34.41 -8.22 -15.52
CA VAL B 20 35.59 -8.04 -14.69
C VAL B 20 36.03 -9.42 -14.23
N ASN B 21 37.33 -9.70 -14.26
CA ASN B 21 37.80 -10.99 -13.80
C ASN B 21 38.40 -10.78 -12.43
N LEU B 22 37.87 -11.50 -11.44
CA LEU B 22 38.36 -11.43 -10.09
C LEU B 22 39.40 -12.54 -9.95
N ILE B 23 40.57 -12.20 -9.41
CA ILE B 23 41.65 -13.17 -9.27
C ILE B 23 41.89 -13.52 -7.81
N THR B 24 41.80 -14.81 -7.54
CA THR B 24 41.97 -15.32 -6.20
C THR B 24 42.84 -16.56 -6.24
N PRO B 25 43.74 -16.70 -5.24
CA PRO B 25 44.70 -17.79 -5.03
C PRO B 25 44.04 -19.05 -4.42
N LEU B 26 42.86 -19.39 -4.91
CA LEU B 26 42.16 -20.54 -4.40
C LEU B 26 42.73 -21.79 -5.05
N GLU B 27 43.47 -22.57 -4.27
CA GLU B 27 44.06 -23.79 -4.80
C GLU B 27 43.50 -25.04 -4.12
N LYS B 28 42.93 -24.86 -2.92
CA LYS B 28 42.35 -25.95 -2.17
C LYS B 28 40.82 -25.81 -2.17
N PRO B 29 40.09 -26.88 -2.56
CA PRO B 29 38.62 -26.95 -2.64
C PRO B 29 37.88 -26.33 -1.48
N LEU B 30 36.80 -25.64 -1.82
CA LEU B 30 35.95 -24.96 -0.86
C LEU B 30 34.98 -25.92 -0.21
N GLN B 31 34.84 -25.74 1.10
CA GLN B 31 33.98 -26.61 1.90
C GLN B 31 32.96 -25.76 2.63
N ASN B 32 33.39 -24.57 3.03
CA ASN B 32 32.54 -23.61 3.73
C ASN B 32 32.88 -22.26 3.12
N PHE B 33 31.94 -21.31 3.14
CA PHE B 33 32.20 -19.96 2.61
C PHE B 33 31.07 -19.00 2.89
N THR B 34 31.38 -17.72 2.72
CA THR B 34 30.41 -16.64 2.91
C THR B 34 30.76 -15.56 1.88
N LEU B 35 29.76 -15.09 1.14
CA LEU B 35 29.94 -14.07 0.12
C LEU B 35 29.03 -12.89 0.39
N CYS B 36 29.57 -11.70 0.30
CA CYS B 36 28.78 -10.51 0.53
C CYS B 36 29.12 -9.40 -0.45
N PHE B 37 28.12 -8.63 -0.87
CA PHE B 37 28.30 -7.54 -1.81
C PHE B 37 27.04 -6.70 -1.95
N ARG B 38 27.18 -5.51 -2.52
CA ARG B 38 26.06 -4.62 -2.76
C ARG B 38 25.85 -4.56 -4.26
N ALA B 39 24.61 -4.39 -4.68
CA ALA B 39 24.30 -4.30 -6.09
C ALA B 39 23.16 -3.32 -6.27
N TYR B 40 23.15 -2.61 -7.39
CA TYR B 40 22.11 -1.63 -7.69
C TYR B 40 21.83 -1.73 -9.18
N SER B 41 20.64 -2.19 -9.54
CA SER B 41 20.27 -2.36 -10.94
C SER B 41 18.77 -2.26 -11.16
N ASP B 42 18.35 -1.74 -12.31
CA ASP B 42 16.91 -1.64 -12.60
C ASP B 42 16.48 -2.57 -13.74
N LEU B 43 17.25 -3.64 -13.90
CA LEU B 43 17.01 -4.64 -14.92
C LEU B 43 15.80 -5.43 -14.44
N SER B 44 14.88 -5.74 -15.33
CA SER B 44 13.70 -6.49 -14.93
C SER B 44 13.91 -7.96 -15.12
N ARG B 45 14.70 -8.32 -16.12
CA ARG B 45 14.98 -9.71 -16.41
C ARG B 45 15.90 -10.35 -15.39
N ALA B 46 16.22 -11.61 -15.66
CA ALA B 46 17.11 -12.34 -14.80
C ALA B 46 18.53 -11.97 -15.19
N TYR B 47 19.44 -12.10 -14.24
CA TYR B 47 20.82 -11.81 -14.53
C TYR B 47 21.71 -12.45 -13.48
N SER B 48 22.94 -12.75 -13.84
CA SER B 48 23.89 -13.35 -12.93
C SER B 48 24.55 -12.29 -12.04
N LEU B 49 24.61 -12.53 -10.74
CA LEU B 49 25.23 -11.59 -9.81
C LEU B 49 26.72 -11.90 -9.59
N PHE B 50 27.04 -13.19 -9.53
CA PHE B 50 28.40 -13.69 -9.26
C PHE B 50 28.63 -15.06 -9.90
N SER B 51 29.49 -15.15 -10.92
CA SER B 51 29.75 -16.44 -11.59
C SER B 51 31.10 -16.99 -11.19
N TYR B 52 31.14 -18.30 -10.94
CA TYR B 52 32.35 -18.99 -10.50
C TYR B 52 32.36 -20.38 -11.11
N ASN B 53 33.21 -20.56 -12.13
CA ASN B 53 33.34 -21.82 -12.84
C ASN B 53 34.74 -22.38 -12.71
N THR B 54 34.84 -23.69 -12.83
CA THR B 54 36.13 -24.36 -12.77
C THR B 54 36.20 -25.18 -14.03
N GLN B 55 37.36 -25.73 -14.33
CA GLN B 55 37.48 -26.51 -15.55
C GLN B 55 36.49 -27.66 -15.59
N GLY B 56 35.67 -27.66 -16.64
CA GLY B 56 34.68 -28.71 -16.84
C GLY B 56 33.41 -28.61 -16.01
N ARG B 57 33.43 -27.78 -14.98
CA ARG B 57 32.29 -27.62 -14.12
C ARG B 57 31.56 -26.29 -14.36
N ASP B 58 30.38 -26.34 -15.00
CA ASP B 58 29.60 -25.12 -15.23
C ASP B 58 28.78 -24.87 -13.96
N ASN B 59 28.57 -23.61 -13.62
CA ASN B 59 27.82 -23.27 -12.42
C ASN B 59 28.34 -24.03 -11.23
N GLU B 60 29.63 -23.91 -10.94
CA GLU B 60 30.19 -24.58 -9.78
C GLU B 60 29.69 -23.83 -8.54
N LEU B 61 29.68 -22.50 -8.65
CA LEU B 61 29.18 -21.62 -7.59
C LEU B 61 28.64 -20.36 -8.31
N LEU B 62 27.30 -20.23 -8.35
CA LEU B 62 26.61 -19.13 -9.04
C LEU B 62 25.48 -18.49 -8.23
N VAL B 63 25.54 -17.18 -8.03
CA VAL B 63 24.49 -16.44 -7.32
C VAL B 63 23.72 -15.77 -8.46
N TYR B 64 22.54 -16.29 -8.77
CA TYR B 64 21.72 -15.82 -9.88
C TYR B 64 20.40 -15.22 -9.43
N LYS B 65 19.97 -14.13 -10.03
CA LYS B 65 18.69 -13.53 -9.67
C LYS B 65 17.60 -13.83 -10.69
N GLU B 66 16.65 -14.66 -10.28
CA GLU B 66 15.53 -15.11 -11.11
C GLU B 66 14.56 -14.03 -11.55
N ARG B 67 14.20 -13.17 -10.62
CA ARG B 67 13.26 -12.08 -10.85
C ARG B 67 13.17 -11.33 -9.53
N VAL B 68 12.33 -10.32 -9.43
CA VAL B 68 12.24 -9.55 -8.20
C VAL B 68 11.88 -10.37 -6.96
N GLY B 69 12.67 -10.20 -5.91
CA GLY B 69 12.44 -10.89 -4.65
C GLY B 69 12.65 -12.39 -4.68
N GLU B 70 13.47 -12.86 -5.61
CA GLU B 70 13.73 -14.28 -5.75
C GLU B 70 15.19 -14.53 -6.12
N TYR B 71 15.96 -15.03 -5.16
CA TYR B 71 17.38 -15.32 -5.35
C TYR B 71 17.71 -16.80 -5.41
N SER B 72 18.60 -17.18 -6.34
CA SER B 72 19.04 -18.57 -6.50
C SER B 72 20.51 -18.74 -6.21
N LEU B 73 20.89 -19.94 -5.77
CA LEU B 73 22.28 -20.26 -5.47
C LEU B 73 22.52 -21.62 -6.07
N TYR B 74 23.60 -21.72 -6.82
CA TYR B 74 23.95 -23.00 -7.43
C TYR B 74 25.22 -23.49 -6.76
N ILE B 75 25.29 -24.78 -6.46
CA ILE B 75 26.50 -25.37 -5.88
C ILE B 75 26.66 -26.64 -6.71
N GLY B 76 27.71 -26.69 -7.50
CA GLY B 76 27.94 -27.86 -8.32
C GLY B 76 26.74 -28.21 -9.16
N ARG B 77 26.26 -27.24 -9.92
CA ARG B 77 25.13 -27.43 -10.82
C ARG B 77 23.78 -27.67 -10.15
N HIS B 78 23.76 -27.70 -8.82
CA HIS B 78 22.51 -27.89 -8.09
C HIS B 78 22.03 -26.52 -7.67
N LYS B 79 20.73 -26.40 -7.45
CA LYS B 79 20.14 -25.10 -7.16
C LYS B 79 19.10 -24.96 -6.06
N VAL B 80 19.12 -23.84 -5.37
CA VAL B 80 18.11 -23.56 -4.34
C VAL B 80 17.68 -22.10 -4.59
N THR B 81 16.43 -21.78 -4.27
CA THR B 81 15.94 -20.44 -4.48
C THR B 81 15.16 -20.00 -3.24
N SER B 82 15.31 -18.76 -2.81
CA SER B 82 14.57 -18.30 -1.65
C SER B 82 13.96 -16.96 -1.91
N LYS B 83 12.76 -16.74 -1.39
CA LYS B 83 12.02 -15.50 -1.61
C LYS B 83 12.14 -14.44 -0.53
N VAL B 84 11.98 -13.19 -0.95
CA VAL B 84 12.04 -12.07 -0.03
C VAL B 84 11.17 -10.94 -0.58
N ILE B 85 10.69 -10.09 0.32
CA ILE B 85 9.87 -8.94 -0.06
C ILE B 85 10.84 -7.80 -0.33
N GLU B 86 10.79 -7.23 -1.54
CA GLU B 86 11.67 -6.13 -1.87
C GLU B 86 11.09 -5.17 -2.89
N LYS B 87 11.57 -3.93 -2.87
CA LYS B 87 11.10 -2.91 -3.78
C LYS B 87 11.89 -2.97 -5.07
N PHE B 88 11.39 -2.31 -6.10
CA PHE B 88 12.08 -2.30 -7.38
C PHE B 88 11.89 -0.96 -8.08
N PRO B 89 13.00 -0.31 -8.45
CA PRO B 89 14.36 -0.78 -8.25
C PRO B 89 14.83 -0.23 -6.93
N ALA B 90 15.91 -0.80 -6.40
CA ALA B 90 16.49 -0.35 -5.12
C ALA B 90 17.80 -1.08 -4.87
N PRO B 91 18.75 -0.43 -4.18
CA PRO B 91 20.04 -1.03 -3.87
C PRO B 91 19.84 -2.20 -2.92
N VAL B 92 20.69 -3.20 -2.99
CA VAL B 92 20.56 -4.36 -2.14
C VAL B 92 21.90 -4.80 -1.56
N HIS B 93 21.87 -5.42 -0.38
CA HIS B 93 23.09 -5.94 0.24
C HIS B 93 22.83 -7.43 0.38
N ILE B 94 23.58 -8.24 -0.33
CA ILE B 94 23.39 -9.69 -0.31
C ILE B 94 24.57 -10.41 0.36
N CYS B 95 24.28 -11.43 1.16
CA CYS B 95 25.30 -12.28 1.80
C CYS B 95 24.75 -13.70 1.70
N VAL B 96 25.47 -14.60 1.03
CA VAL B 96 25.01 -15.96 0.92
C VAL B 96 26.11 -16.83 1.50
N SER B 97 25.76 -17.87 2.25
CA SER B 97 26.79 -18.74 2.82
C SER B 97 26.39 -20.18 2.67
N TRP B 98 27.39 -21.05 2.55
CA TRP B 98 27.13 -22.48 2.38
C TRP B 98 28.13 -23.25 3.21
N GLU B 99 27.69 -24.42 3.68
CA GLU B 99 28.47 -25.28 4.55
C GLU B 99 28.29 -26.73 4.15
N SER B 100 29.34 -27.35 3.64
CA SER B 100 29.29 -28.73 3.15
C SER B 100 28.75 -29.77 4.11
N SER B 101 29.18 -29.74 5.36
CA SER B 101 28.71 -30.73 6.32
C SER B 101 27.18 -30.92 6.37
N SER B 102 26.44 -29.82 6.45
CA SER B 102 24.98 -29.86 6.52
C SER B 102 24.31 -29.61 5.17
N GLY B 103 25.01 -28.94 4.27
CA GLY B 103 24.46 -28.60 2.96
C GLY B 103 23.62 -27.33 3.02
N ILE B 104 23.50 -26.73 4.21
CA ILE B 104 22.68 -25.55 4.42
C ILE B 104 23.17 -24.25 3.79
N ALA B 105 22.38 -23.75 2.83
CA ALA B 105 22.62 -22.47 2.13
C ALA B 105 21.82 -21.43 2.90
N GLU B 106 22.43 -20.29 3.19
CA GLU B 106 21.77 -19.26 4.00
C GLU B 106 21.88 -17.87 3.37
N PHE B 107 20.75 -17.28 2.99
CA PHE B 107 20.75 -15.94 2.35
C PHE B 107 20.41 -14.85 3.35
N TRP B 108 21.02 -13.68 3.18
CA TRP B 108 20.74 -12.55 4.06
C TRP B 108 20.57 -11.29 3.21
N ILE B 109 19.33 -10.95 2.86
CA ILE B 109 19.05 -9.77 2.06
C ILE B 109 18.83 -8.56 2.96
N ASN B 110 19.71 -7.57 2.82
CA ASN B 110 19.65 -6.35 3.61
C ASN B 110 19.59 -6.60 5.10
N GLY B 111 20.50 -7.41 5.61
CA GLY B 111 20.52 -7.72 7.02
C GLY B 111 19.33 -8.54 7.51
N THR B 112 18.59 -9.15 6.59
CA THR B 112 17.44 -9.97 6.93
C THR B 112 17.62 -11.39 6.41
N PRO B 113 17.54 -12.37 7.31
CA PRO B 113 17.72 -13.76 6.90
C PRO B 113 16.51 -14.31 6.20
N LEU B 114 16.75 -14.97 5.08
CA LEU B 114 15.66 -15.62 4.36
C LEU B 114 15.62 -17.08 4.89
N VAL B 115 14.62 -17.83 4.46
CA VAL B 115 14.48 -19.21 4.87
C VAL B 115 15.66 -20.04 4.34
N LYS B 116 16.19 -20.94 5.19
CA LYS B 116 17.32 -21.79 4.82
C LYS B 116 16.89 -22.92 3.91
N LYS B 117 17.76 -23.26 2.96
CA LYS B 117 17.50 -24.35 2.03
C LYS B 117 18.75 -25.18 2.05
N GLY B 118 18.69 -26.40 1.53
CA GLY B 118 19.88 -27.24 1.55
C GLY B 118 20.18 -27.93 0.25
N LEU B 119 21.47 -28.01 -0.07
CA LEU B 119 21.92 -28.66 -1.30
C LEU B 119 23.36 -29.15 -1.20
N ARG B 120 23.65 -30.16 -2.01
CA ARG B 120 24.98 -30.76 -2.09
C ARG B 120 25.69 -30.96 -0.75
N GLN B 121 25.08 -31.73 0.16
CA GLN B 121 25.68 -31.99 1.46
C GLN B 121 26.89 -32.89 1.28
N GLY B 122 28.03 -32.43 1.80
CA GLY B 122 29.25 -33.20 1.70
C GLY B 122 29.99 -33.04 0.37
N TYR B 123 29.73 -31.94 -0.32
CA TYR B 123 30.38 -31.68 -1.59
C TYR B 123 31.47 -30.66 -1.31
N PHE B 124 32.40 -30.52 -2.25
CA PHE B 124 33.48 -29.56 -2.12
C PHE B 124 33.52 -28.79 -3.41
N VAL B 125 33.40 -27.46 -3.35
CA VAL B 125 33.44 -26.70 -4.58
C VAL B 125 34.89 -26.68 -5.05
N GLU B 126 35.10 -27.07 -6.30
CA GLU B 126 36.42 -27.11 -6.88
C GLU B 126 37.18 -25.82 -6.67
N ALA B 127 38.49 -25.94 -6.63
CA ALA B 127 39.34 -24.79 -6.42
C ALA B 127 39.90 -24.39 -7.77
N GLN B 128 40.69 -23.33 -7.77
CA GLN B 128 41.30 -22.82 -9.00
C GLN B 128 40.16 -22.53 -9.95
N PRO B 129 39.33 -21.55 -9.58
CA PRO B 129 38.16 -21.11 -10.34
C PRO B 129 38.43 -19.96 -11.29
N LYS B 130 37.37 -19.62 -12.03
CA LYS B 130 37.36 -18.52 -12.98
C LYS B 130 36.16 -17.73 -12.48
N ILE B 131 36.40 -16.61 -11.80
CA ILE B 131 35.35 -15.78 -11.23
C ILE B 131 35.09 -14.51 -12.04
N VAL B 132 33.91 -14.40 -12.68
CA VAL B 132 33.62 -13.18 -13.43
C VAL B 132 32.45 -12.39 -12.85
N LEU B 133 32.49 -11.08 -13.04
CA LEU B 133 31.45 -10.18 -12.59
C LEU B 133 30.87 -9.54 -13.85
N GLY B 134 29.55 -9.40 -13.92
CA GLY B 134 28.94 -8.80 -15.09
C GLY B 134 28.49 -9.73 -16.23
N GLN B 135 28.81 -11.01 -16.15
CA GLN B 135 28.39 -11.96 -17.19
C GLN B 135 28.19 -13.32 -16.56
N GLU B 136 27.62 -14.25 -17.31
CA GLU B 136 27.41 -15.58 -16.79
C GLU B 136 28.15 -16.55 -17.66
N GLN B 137 29.18 -17.18 -17.07
CA GLN B 137 30.01 -18.15 -17.76
C GLN B 137 29.29 -19.45 -18.04
N ASP B 138 29.53 -20.00 -19.22
CA ASP B 138 28.95 -21.27 -19.57
C ASP B 138 30.13 -22.16 -19.95
N SER B 139 31.32 -21.62 -19.70
CA SER B 139 32.57 -22.30 -19.96
C SER B 139 33.58 -21.75 -18.95
N TYR B 140 34.82 -22.21 -19.00
CA TYR B 140 35.83 -21.76 -18.05
C TYR B 140 36.29 -20.34 -18.40
N GLY B 141 35.57 -19.36 -17.87
CA GLY B 141 35.90 -17.98 -18.12
C GLY B 141 35.26 -17.38 -19.36
N GLY B 142 34.41 -18.15 -20.05
CA GLY B 142 33.77 -17.64 -21.24
C GLY B 142 32.35 -18.08 -21.57
N LYS B 143 32.03 -18.07 -22.86
CA LYS B 143 30.71 -18.42 -23.38
C LYS B 143 29.59 -17.67 -22.66
N PHE B 144 29.64 -16.34 -22.74
CA PHE B 144 28.67 -15.45 -22.11
C PHE B 144 27.36 -15.36 -22.85
N ASP B 145 26.25 -15.26 -22.10
CA ASP B 145 24.90 -15.13 -22.67
C ASP B 145 24.48 -13.68 -22.41
N ARG B 146 24.10 -12.96 -23.46
CA ARG B 146 23.72 -11.55 -23.32
C ARG B 146 22.51 -11.33 -22.43
N SER B 147 21.58 -12.27 -22.49
CA SER B 147 20.35 -12.19 -21.71
C SER B 147 20.54 -12.46 -20.22
N GLN B 148 21.77 -12.78 -19.83
CA GLN B 148 22.09 -13.02 -18.43
C GLN B 148 23.04 -11.97 -17.90
N SER B 149 23.46 -11.06 -18.77
CA SER B 149 24.37 -10.00 -18.40
C SER B 149 23.82 -9.09 -17.34
N PHE B 150 24.68 -8.63 -16.45
CA PHE B 150 24.26 -7.73 -15.39
C PHE B 150 24.61 -6.33 -15.80
N VAL B 151 23.67 -5.42 -15.65
CA VAL B 151 23.96 -4.04 -15.96
C VAL B 151 23.49 -3.25 -14.77
N GLY B 152 24.42 -2.56 -14.15
CA GLY B 152 24.12 -1.77 -12.98
C GLY B 152 25.43 -1.60 -12.26
N GLU B 153 25.39 -1.45 -10.94
CA GLU B 153 26.59 -1.23 -10.16
C GLU B 153 26.82 -2.33 -9.10
N ILE B 154 28.09 -2.63 -8.81
CA ILE B 154 28.45 -3.62 -7.79
C ILE B 154 29.59 -3.07 -6.96
N GLY B 155 29.52 -3.28 -5.64
CA GLY B 155 30.57 -2.79 -4.78
C GLY B 155 30.63 -3.61 -3.51
N ASP B 156 31.59 -3.30 -2.64
CA ASP B 156 31.78 -3.98 -1.36
C ASP B 156 31.75 -5.51 -1.38
N LEU B 157 32.44 -6.11 -2.35
CA LEU B 157 32.49 -7.57 -2.46
C LEU B 157 33.55 -8.10 -1.50
N TYR B 158 33.21 -9.15 -0.74
CA TYR B 158 34.11 -9.82 0.22
C TYR B 158 33.73 -11.28 0.28
N MET B 159 34.72 -12.16 0.37
CA MET B 159 34.46 -13.59 0.44
C MET B 159 35.39 -14.28 1.43
N TRP B 160 34.81 -14.86 2.46
CA TRP B 160 35.54 -15.56 3.50
C TRP B 160 35.41 -17.05 3.26
N ASP B 161 36.35 -17.81 3.80
CA ASP B 161 36.30 -19.27 3.65
C ASP B 161 35.54 -19.97 4.79
N SER B 162 34.95 -19.19 5.68
CA SER B 162 34.19 -19.73 6.78
C SER B 162 32.74 -19.27 6.67
N VAL B 163 31.88 -19.81 7.53
CA VAL B 163 30.48 -19.42 7.53
C VAL B 163 30.28 -18.38 8.62
N LEU B 164 30.15 -17.12 8.23
CA LEU B 164 29.97 -16.02 9.18
C LEU B 164 28.69 -16.07 10.01
N PRO B 165 28.80 -15.70 11.29
CA PRO B 165 27.66 -15.68 12.21
C PRO B 165 26.88 -14.39 12.00
N PRO B 166 25.62 -14.36 12.45
CA PRO B 166 24.76 -13.18 12.31
C PRO B 166 25.43 -11.86 12.58
N GLU B 167 26.14 -11.74 13.70
CA GLU B 167 26.77 -10.48 14.01
C GLU B 167 27.80 -10.02 13.01
N ASN B 168 28.45 -10.97 12.35
CA ASN B 168 29.44 -10.62 11.34
C ASN B 168 28.79 -10.23 10.01
N ILE B 169 27.59 -10.75 9.77
CA ILE B 169 26.82 -10.46 8.56
C ILE B 169 26.36 -9.02 8.66
N LEU B 170 25.72 -8.68 9.77
CA LEU B 170 25.23 -7.34 10.01
C LEU B 170 26.29 -6.26 10.01
N SER B 171 27.51 -6.61 10.42
CA SER B 171 28.60 -5.65 10.42
C SER B 171 28.94 -5.32 8.98
N ALA B 172 29.05 -6.36 8.17
CA ALA B 172 29.36 -6.20 6.76
C ALA B 172 28.32 -5.28 6.13
N TYR B 173 27.08 -5.56 6.47
CA TYR B 173 25.94 -4.82 6.00
C TYR B 173 26.02 -3.37 6.46
N GLN B 174 26.49 -3.17 7.68
CA GLN B 174 26.58 -1.83 8.23
C GLN B 174 27.83 -1.08 7.79
N GLY B 175 28.68 -1.72 7.01
CA GLY B 175 29.86 -1.06 6.52
C GLY B 175 31.17 -1.28 7.26
N THR B 176 31.18 -2.20 8.22
CA THR B 176 32.38 -2.51 8.98
C THR B 176 32.61 -4.02 8.96
N PRO B 177 32.86 -4.58 7.77
CA PRO B 177 33.09 -6.02 7.58
C PRO B 177 34.37 -6.56 8.18
N LEU B 178 34.36 -7.86 8.45
CA LEU B 178 35.54 -8.52 8.95
C LEU B 178 36.44 -8.71 7.74
N PRO B 179 37.77 -8.73 7.95
CA PRO B 179 38.70 -8.91 6.84
C PRO B 179 38.46 -10.23 6.16
N ALA B 180 38.30 -10.19 4.85
CA ALA B 180 38.05 -11.39 4.07
C ALA B 180 39.36 -12.03 3.63
N ASN B 181 39.33 -13.34 3.45
CA ASN B 181 40.52 -14.07 3.03
C ASN B 181 40.49 -14.70 1.65
N ILE B 182 39.32 -14.73 1.01
CA ILE B 182 39.26 -15.29 -0.34
C ILE B 182 39.18 -14.17 -1.38
N LEU B 183 38.47 -13.10 -1.04
CA LEU B 183 38.27 -11.94 -1.91
C LEU B 183 38.02 -10.76 -0.97
N ASP B 184 38.78 -9.68 -1.13
CA ASP B 184 38.62 -8.52 -0.27
C ASP B 184 38.55 -7.24 -1.08
N TRP B 185 37.51 -6.44 -0.87
CA TRP B 185 37.31 -5.19 -1.61
C TRP B 185 38.41 -4.18 -1.42
N GLN B 186 39.04 -4.22 -0.24
CA GLN B 186 40.11 -3.31 0.09
C GLN B 186 41.49 -3.78 -0.38
N ALA B 187 41.52 -4.84 -1.15
CA ALA B 187 42.77 -5.38 -1.68
C ALA B 187 42.37 -6.34 -2.79
N LEU B 188 41.66 -5.80 -3.78
CA LEU B 188 41.17 -6.60 -4.89
C LEU B 188 42.13 -6.77 -6.05
N ASN B 189 42.10 -7.96 -6.64
CA ASN B 189 42.95 -8.28 -7.76
C ASN B 189 42.03 -8.57 -8.94
N TYR B 190 41.77 -7.55 -9.75
CA TYR B 190 40.86 -7.69 -10.88
C TYR B 190 41.40 -7.43 -12.28
N GLU B 191 40.58 -7.74 -13.28
CA GLU B 191 40.93 -7.53 -14.68
C GLU B 191 39.72 -7.04 -15.45
N ILE B 192 39.66 -5.74 -15.73
CA ILE B 192 38.56 -5.19 -16.50
C ILE B 192 38.70 -5.52 -17.98
N ARG B 193 37.64 -6.05 -18.56
CA ARG B 193 37.59 -6.40 -19.98
C ARG B 193 36.33 -5.71 -20.48
N GLY B 194 36.45 -4.95 -21.56
CA GLY B 194 35.31 -4.27 -22.12
C GLY B 194 34.97 -2.95 -21.47
N TYR B 195 33.73 -2.52 -21.62
CA TYR B 195 33.28 -1.26 -21.07
C TYR B 195 32.79 -1.32 -19.63
N VAL B 196 33.66 -1.03 -18.66
CA VAL B 196 33.26 -1.02 -17.25
C VAL B 196 34.06 0.06 -16.55
N ILE B 197 33.33 1.03 -16.02
CA ILE B 197 33.89 2.18 -15.33
C ILE B 197 33.90 2.00 -13.83
N ILE B 198 34.83 2.67 -13.14
CA ILE B 198 34.94 2.64 -11.68
C ILE B 198 34.53 4.01 -11.20
N LYS B 199 33.53 4.07 -10.32
CA LYS B 199 33.05 5.33 -9.81
C LYS B 199 32.82 5.19 -8.33
N PRO B 200 32.68 6.31 -7.62
CA PRO B 200 32.44 6.25 -6.18
C PRO B 200 31.04 5.74 -5.85
N LEU B 201 30.89 5.15 -4.66
CA LEU B 201 29.62 4.62 -4.22
C LEU B 201 28.82 5.76 -3.68
N VAL B 202 27.83 6.20 -4.45
CA VAL B 202 26.99 7.31 -4.06
C VAL B 202 25.65 6.91 -3.46
N TRP B 203 25.25 5.66 -3.66
CA TRP B 203 23.95 5.22 -3.17
C TRP B 203 23.89 4.51 -1.84
N VAL B 204 24.91 4.66 -1.02
CA VAL B 204 24.92 4.05 0.29
C VAL B 204 25.27 5.11 1.33
N HIS C 1 18.62 39.41 -19.15
CA HIS C 1 18.98 38.45 -18.08
C HIS C 1 18.12 38.72 -16.82
N THR C 2 16.96 38.06 -16.79
CA THR C 2 15.94 38.16 -15.75
C THR C 2 16.09 37.18 -14.57
N ASP C 3 15.71 37.61 -13.38
CA ASP C 3 15.79 36.74 -12.21
C ASP C 3 14.42 36.12 -11.95
N LEU C 4 14.26 34.86 -12.37
CA LEU C 4 13.02 34.14 -12.19
C LEU C 4 12.89 33.44 -10.83
N SER C 5 13.68 33.90 -9.85
CA SER C 5 13.64 33.33 -8.51
C SER C 5 12.25 33.36 -7.92
N GLY C 6 11.84 32.22 -7.35
CA GLY C 6 10.53 32.11 -6.72
C GLY C 6 9.35 32.05 -7.68
N LYS C 7 9.66 31.82 -8.96
CA LYS C 7 8.64 31.75 -10.00
C LYS C 7 8.86 30.56 -10.89
N VAL C 8 7.88 30.30 -11.76
CA VAL C 8 7.95 29.17 -12.68
C VAL C 8 7.22 29.49 -13.97
N PHE C 9 7.61 28.83 -15.04
CA PHE C 9 6.95 28.99 -16.32
C PHE C 9 5.80 28.01 -16.27
N VAL C 10 4.56 28.46 -16.47
CA VAL C 10 3.44 27.53 -16.50
C VAL C 10 2.87 27.42 -17.92
N PHE C 11 3.02 26.23 -18.52
CA PHE C 11 2.48 25.96 -19.87
C PHE C 11 1.10 25.39 -19.54
N PRO C 12 0.04 26.22 -19.69
CA PRO C 12 -1.34 25.85 -19.38
C PRO C 12 -2.15 24.95 -20.30
N ARG C 13 -1.61 24.56 -21.44
CA ARG C 13 -2.39 23.70 -22.33
C ARG C 13 -1.60 22.95 -23.36
N GLU C 14 -2.20 21.89 -23.85
CA GLU C 14 -1.58 21.06 -24.87
C GLU C 14 -1.62 21.83 -26.18
N SER C 15 -0.47 21.95 -26.84
CA SER C 15 -0.42 22.66 -28.12
C SER C 15 0.82 22.27 -28.89
N VAL C 16 0.94 22.81 -30.09
CA VAL C 16 2.09 22.58 -30.93
C VAL C 16 2.64 24.00 -31.21
N THR C 17 2.43 24.89 -30.24
CA THR C 17 2.77 26.30 -30.36
C THR C 17 3.53 26.93 -29.22
N ASP C 18 2.97 26.81 -28.03
CA ASP C 18 3.58 27.39 -26.85
C ASP C 18 4.92 26.76 -26.52
N HIS C 19 5.87 27.60 -26.13
CA HIS C 19 7.19 27.15 -25.76
C HIS C 19 8.01 28.34 -25.36
N VAL C 20 9.17 28.08 -24.75
CA VAL C 20 10.07 29.12 -24.30
C VAL C 20 11.43 28.84 -24.90
N ASN C 21 12.12 29.90 -25.36
CA ASN C 21 13.45 29.74 -25.93
C ASN C 21 14.48 30.21 -24.92
N LEU C 22 15.32 29.29 -24.51
CA LEU C 22 16.37 29.61 -23.57
C LEU C 22 17.59 30.03 -24.40
N ILE C 23 18.22 31.14 -24.01
CA ILE C 23 19.37 31.66 -24.76
C ILE C 23 20.66 31.64 -23.97
N THR C 24 21.66 30.96 -24.54
CA THR C 24 22.97 30.86 -23.93
C THR C 24 24.08 30.95 -24.97
N PRO C 25 25.17 31.64 -24.63
CA PRO C 25 26.37 31.86 -25.44
C PRO C 25 27.31 30.64 -25.53
N LEU C 26 26.75 29.43 -25.53
CA LEU C 26 27.56 28.24 -25.61
C LEU C 26 28.16 28.20 -27.01
N GLU C 27 29.40 28.65 -27.14
CA GLU C 27 30.05 28.69 -28.45
C GLU C 27 31.08 27.59 -28.65
N LYS C 28 31.49 26.97 -27.54
CA LYS C 28 32.50 25.91 -27.55
C LYS C 28 31.90 24.60 -26.96
N PRO C 29 31.91 23.51 -27.75
CA PRO C 29 31.40 22.18 -27.45
C PRO C 29 31.39 21.73 -26.00
N LEU C 30 30.31 21.03 -25.64
CA LEU C 30 30.10 20.49 -24.31
C LEU C 30 30.76 19.12 -24.19
N GLN C 31 31.45 18.94 -23.08
CA GLN C 31 32.17 17.71 -22.85
C GLN C 31 31.69 17.11 -21.53
N ASN C 32 31.34 17.99 -20.59
CA ASN C 32 30.84 17.60 -19.27
C ASN C 32 29.71 18.57 -18.97
N PHE C 33 28.72 18.14 -18.17
CA PHE C 33 27.62 19.03 -17.80
C PHE C 33 26.71 18.45 -16.75
N THR C 34 25.94 19.35 -16.13
CA THR C 34 24.95 18.99 -15.10
C THR C 34 23.76 19.90 -15.33
N LEU C 35 22.57 19.32 -15.32
CA LEU C 35 21.34 20.04 -15.54
C LEU C 35 20.38 19.72 -14.41
N CYS C 36 19.76 20.74 -13.82
CA CYS C 36 18.81 20.55 -12.72
C CYS C 36 17.57 21.44 -12.86
N PHE C 37 16.41 20.92 -12.50
CA PHE C 37 15.18 21.69 -12.58
C PHE C 37 14.04 20.99 -11.88
N ARG C 38 12.96 21.72 -11.64
CA ARG C 38 11.78 21.16 -11.02
C ARG C 38 10.71 21.14 -12.07
N ALA C 39 9.75 20.24 -11.92
CA ALA C 39 8.66 20.14 -12.87
C ALA C 39 7.46 19.59 -12.10
N TYR C 40 6.27 19.99 -12.50
CA TYR C 40 5.04 19.53 -11.87
C TYR C 40 4.04 19.35 -13.01
N SER C 41 3.62 18.12 -13.27
CA SER C 41 2.71 17.86 -14.36
C SER C 41 1.86 16.61 -14.14
N ASP C 42 0.62 16.59 -14.59
CA ASP C 42 -0.23 15.42 -14.41
C ASP C 42 -0.57 14.70 -15.73
N LEU C 43 0.35 14.85 -16.67
CA LEU C 43 0.24 14.27 -17.99
C LEU C 43 0.61 12.82 -17.81
N SER C 44 -0.15 11.93 -18.44
CA SER C 44 0.13 10.51 -18.34
C SER C 44 1.03 10.06 -19.48
N ARG C 45 0.90 10.72 -20.62
CA ARG C 45 1.70 10.38 -21.79
C ARG C 45 3.14 10.82 -21.68
N ALA C 46 3.90 10.49 -22.72
CA ALA C 46 5.30 10.85 -22.77
C ALA C 46 5.39 12.32 -23.11
N TYR C 47 6.48 12.95 -22.70
CA TYR C 47 6.67 14.35 -23.01
C TYR C 47 8.09 14.77 -22.78
N SER C 48 8.55 15.71 -23.59
CA SER C 48 9.89 16.24 -23.48
C SER C 48 10.02 17.21 -22.30
N LEU C 49 11.10 17.06 -21.54
CA LEU C 49 11.36 17.94 -20.39
C LEU C 49 12.31 19.07 -20.76
N PHE C 50 13.28 18.77 -21.62
CA PHE C 50 14.33 19.73 -22.04
C PHE C 50 14.92 19.37 -23.41
N SER C 51 14.63 20.18 -24.42
CA SER C 51 15.13 19.93 -25.78
C SER C 51 16.30 20.83 -26.13
N TYR C 52 17.31 20.25 -26.78
CA TYR C 52 18.51 20.97 -27.15
C TYR C 52 19.04 20.41 -28.46
N ASN C 53 18.77 21.14 -29.54
CA ASN C 53 19.20 20.74 -30.88
C ASN C 53 20.21 21.71 -31.44
N THR C 54 21.07 21.21 -32.32
CA THR C 54 22.06 22.03 -32.99
C THR C 54 21.81 21.86 -34.48
N GLN C 55 22.45 22.69 -35.30
CA GLN C 55 22.24 22.61 -36.74
C GLN C 55 22.55 21.23 -37.31
N GLY C 56 21.56 20.63 -37.96
CA GLY C 56 21.72 19.32 -38.58
C GLY C 56 21.74 18.12 -37.64
N ARG C 57 21.56 18.37 -36.35
CA ARG C 57 21.56 17.30 -35.38
C ARG C 57 20.32 17.34 -34.47
N ASP C 58 19.49 16.30 -34.60
CA ASP C 58 18.27 16.18 -33.80
C ASP C 58 18.60 15.42 -32.52
N ASN C 59 17.97 15.80 -31.43
CA ASN C 59 18.20 15.16 -30.14
C ASN C 59 19.69 15.14 -29.81
N GLU C 60 20.30 16.32 -29.81
CA GLU C 60 21.71 16.40 -29.49
C GLU C 60 21.80 16.18 -27.97
N LEU C 61 20.87 16.77 -27.22
CA LEU C 61 20.77 16.62 -25.77
C LEU C 61 19.30 16.81 -25.42
N LEU C 62 18.63 15.70 -25.11
CA LEU C 62 17.20 15.68 -24.77
C LEU C 62 16.87 14.89 -23.49
N VAL C 63 16.18 15.53 -22.55
CA VAL C 63 15.76 14.87 -21.30
C VAL C 63 14.28 14.58 -21.57
N TYR C 64 13.97 13.33 -21.86
CA TYR C 64 12.62 12.90 -22.20
C TYR C 64 12.01 11.97 -21.15
N LYS C 65 10.72 12.11 -20.89
CA LYS C 65 10.06 11.23 -19.92
C LYS C 65 9.14 10.21 -20.60
N GLU C 66 9.60 8.97 -20.64
CA GLU C 66 8.90 7.87 -21.27
C GLU C 66 7.52 7.57 -20.72
N ARG C 67 7.43 7.56 -19.40
CA ARG C 67 6.20 7.25 -18.69
C ARG C 67 6.54 7.39 -17.22
N VAL C 68 5.61 7.06 -16.32
CA VAL C 68 5.87 7.22 -14.89
C VAL C 68 7.05 6.40 -14.38
N GLY C 69 7.93 7.08 -13.65
CA GLY C 69 9.11 6.45 -13.07
C GLY C 69 10.13 5.97 -14.06
N GLU C 70 10.15 6.57 -15.24
CA GLU C 70 11.07 6.14 -16.27
C GLU C 70 11.59 7.35 -17.01
N TYR C 71 12.86 7.68 -16.84
CA TYR C 71 13.44 8.83 -17.49
C TYR C 71 14.51 8.47 -18.52
N SER C 72 14.52 9.17 -19.65
CA SER C 72 15.50 8.93 -20.70
C SER C 72 16.41 10.14 -20.94
N LEU C 73 17.61 9.85 -21.42
CA LEU C 73 18.60 10.88 -21.73
C LEU C 73 19.15 10.54 -23.10
N TYR C 74 19.18 11.55 -23.97
CA TYR C 74 19.70 11.41 -25.32
C TYR C 74 20.97 12.25 -25.42
N ILE C 75 22.02 11.69 -26.00
CA ILE C 75 23.28 12.41 -26.20
C ILE C 75 23.64 12.06 -27.64
N GLY C 76 23.55 13.05 -28.52
CA GLY C 76 23.88 12.81 -29.90
C GLY C 76 23.07 11.67 -30.46
N ARG C 77 21.76 11.77 -30.34
CA ARG C 77 20.85 10.75 -30.85
C ARG C 77 20.90 9.38 -30.18
N HIS C 78 21.79 9.21 -29.19
CA HIS C 78 21.86 7.94 -28.47
C HIS C 78 21.05 8.09 -27.21
N LYS C 79 20.59 6.98 -26.67
CA LYS C 79 19.71 7.05 -25.51
C LYS C 79 19.95 6.07 -24.36
N VAL C 80 19.66 6.53 -23.14
CA VAL C 80 19.74 5.68 -21.96
C VAL C 80 18.47 5.97 -21.16
N THR C 81 17.97 4.96 -20.45
CA THR C 81 16.74 5.10 -19.65
C THR C 81 16.93 4.46 -18.28
N SER C 82 16.53 5.17 -17.23
CA SER C 82 16.67 4.64 -15.89
C SER C 82 15.36 4.74 -15.12
N LYS C 83 15.08 3.73 -14.31
CA LYS C 83 13.86 3.69 -13.55
C LYS C 83 13.97 4.19 -12.14
N VAL C 84 12.83 4.57 -11.58
CA VAL C 84 12.74 5.06 -10.22
C VAL C 84 11.30 4.85 -9.72
N ILE C 85 11.13 4.78 -8.41
CA ILE C 85 9.82 4.61 -7.81
C ILE C 85 9.28 6.00 -7.57
N GLU C 86 8.09 6.30 -8.07
CA GLU C 86 7.52 7.62 -7.84
C GLU C 86 6.01 7.63 -7.89
N LYS C 87 5.43 8.63 -7.24
CA LYS C 87 3.98 8.81 -7.19
C LYS C 87 3.49 9.61 -8.40
N PHE C 88 2.18 9.56 -8.64
CA PHE C 88 1.62 10.30 -9.75
C PHE C 88 0.25 10.79 -9.39
N PRO C 89 0.02 12.11 -9.50
CA PRO C 89 1.01 13.08 -9.94
C PRO C 89 1.70 13.66 -8.73
N ALA C 90 2.87 14.24 -8.95
CA ALA C 90 3.63 14.85 -7.88
C ALA C 90 4.80 15.65 -8.45
N PRO C 91 5.18 16.75 -7.77
CA PRO C 91 6.29 17.58 -8.22
C PRO C 91 7.58 16.74 -8.19
N VAL C 92 8.56 17.09 -9.03
CA VAL C 92 9.80 16.33 -9.07
C VAL C 92 10.98 17.26 -9.21
N HIS C 93 12.14 16.82 -8.73
CA HIS C 93 13.37 17.60 -8.87
C HIS C 93 14.33 16.70 -9.60
N ILE C 94 14.69 17.07 -10.83
CA ILE C 94 15.58 16.26 -11.65
C ILE C 94 16.95 16.89 -11.84
N CYS C 95 18.01 16.09 -11.79
CA CYS C 95 19.38 16.54 -12.06
C CYS C 95 20.00 15.42 -12.88
N VAL C 96 20.44 15.70 -14.09
CA VAL C 96 21.06 14.67 -14.89
C VAL C 96 22.43 15.24 -15.24
N SER C 97 23.45 14.38 -15.28
CA SER C 97 24.80 14.83 -15.62
C SER C 97 25.48 13.82 -16.52
N TRP C 98 26.33 14.31 -17.39
CA TRP C 98 27.03 13.45 -18.31
C TRP C 98 28.49 13.88 -18.39
N GLU C 99 29.34 12.92 -18.67
CA GLU C 99 30.78 13.14 -18.72
C GLU C 99 31.36 12.33 -19.88
N SER C 100 31.83 13.04 -20.90
CA SER C 100 32.38 12.43 -22.11
C SER C 100 33.46 11.38 -21.92
N SER C 101 34.43 11.65 -21.05
CA SER C 101 35.52 10.71 -20.82
C SER C 101 35.08 9.28 -20.54
N SER C 102 34.13 9.14 -19.61
CA SER C 102 33.60 7.82 -19.20
C SER C 102 32.30 7.46 -19.89
N GLY C 103 31.57 8.49 -20.33
CA GLY C 103 30.29 8.28 -21.00
C GLY C 103 29.16 8.05 -20.01
N ILE C 104 29.49 8.14 -18.73
CA ILE C 104 28.55 7.91 -17.65
C ILE C 104 27.49 9.00 -17.45
N ALA C 105 26.22 8.64 -17.67
CA ALA C 105 25.06 9.52 -17.47
C ALA C 105 24.57 9.20 -16.06
N GLU C 106 24.26 10.22 -15.29
CA GLU C 106 23.84 10.04 -13.91
C GLU C 106 22.58 10.84 -13.56
N PHE C 107 21.49 10.15 -13.22
CA PHE C 107 20.23 10.81 -12.86
C PHE C 107 20.06 10.92 -11.38
N TRP C 108 19.40 11.98 -10.92
CA TRP C 108 19.16 12.17 -9.49
C TRP C 108 17.73 12.68 -9.30
N ILE C 109 16.79 11.77 -9.09
CA ILE C 109 15.41 12.15 -8.87
C ILE C 109 15.13 12.43 -7.40
N ASN C 110 14.72 13.65 -7.11
CA ASN C 110 14.41 14.07 -5.75
C ASN C 110 15.53 13.75 -4.78
N GLY C 111 16.75 14.12 -5.14
CA GLY C 111 17.89 13.86 -4.27
C GLY C 111 18.29 12.40 -4.13
N THR C 112 17.76 11.54 -5.00
CA THR C 112 18.07 10.13 -4.94
C THR C 112 18.72 9.72 -6.24
N PRO C 113 19.90 9.07 -6.17
CA PRO C 113 20.61 8.64 -7.37
C PRO C 113 20.04 7.37 -7.95
N LEU C 114 19.79 7.39 -9.26
CA LEU C 114 19.29 6.21 -9.94
C LEU C 114 20.54 5.49 -10.46
N VAL C 115 20.35 4.29 -10.99
CA VAL C 115 21.45 3.50 -11.53
C VAL C 115 22.12 4.21 -12.71
N LYS C 116 23.45 4.25 -12.71
CA LYS C 116 24.22 4.89 -13.78
C LYS C 116 24.18 4.08 -15.06
N LYS C 117 24.14 4.78 -16.19
CA LYS C 117 24.13 4.13 -17.49
C LYS C 117 25.20 4.86 -18.32
N GLY C 118 25.66 4.24 -19.40
CA GLY C 118 26.67 4.90 -20.18
C GLY C 118 26.38 5.00 -21.66
N LEU C 119 26.75 6.13 -22.24
CA LEU C 119 26.55 6.37 -23.68
C LEU C 119 27.49 7.44 -24.24
N ARG C 120 27.76 7.30 -25.54
CA ARG C 120 28.61 8.24 -26.29
C ARG C 120 29.88 8.65 -25.56
N GLN C 121 30.72 7.67 -25.25
CA GLN C 121 31.97 7.94 -24.55
C GLN C 121 32.92 8.62 -25.51
N GLY C 122 33.43 9.77 -25.11
CA GLY C 122 34.36 10.53 -25.93
C GLY C 122 33.71 11.39 -26.99
N TYR C 123 32.44 11.75 -26.80
CA TYR C 123 31.71 12.57 -27.76
C TYR C 123 31.65 13.97 -27.17
N PHE C 124 31.33 14.94 -28.00
CA PHE C 124 31.22 16.33 -27.57
C PHE C 124 29.88 16.80 -28.09
N VAL C 125 29.02 17.32 -27.22
CA VAL C 125 27.73 17.80 -27.69
C VAL C 125 28.00 19.13 -28.37
N GLU C 126 27.50 19.30 -29.58
CA GLU C 126 27.73 20.53 -30.33
C GLU C 126 27.34 21.78 -29.59
N ALA C 127 28.06 22.87 -29.89
CA ALA C 127 27.81 24.15 -29.26
C ALA C 127 26.86 24.92 -30.16
N GLN C 128 26.47 26.11 -29.72
CA GLN C 128 25.54 26.93 -30.48
C GLN C 128 24.29 26.11 -30.72
N PRO C 129 23.57 25.84 -29.65
CA PRO C 129 22.33 25.05 -29.68
C PRO C 129 21.06 25.91 -29.73
N LYS C 130 19.95 25.20 -29.82
CA LYS C 130 18.63 25.77 -29.85
C LYS C 130 17.94 25.01 -28.70
N ILE C 131 17.77 25.69 -27.58
CA ILE C 131 17.17 25.10 -26.38
C ILE C 131 15.72 25.54 -26.15
N VAL C 132 14.77 24.62 -26.31
CA VAL C 132 13.38 24.99 -26.06
C VAL C 132 12.77 24.23 -24.88
N LEU C 133 11.84 24.90 -24.20
CA LEU C 133 11.13 24.37 -23.06
C LEU C 133 9.67 24.26 -23.49
N GLY C 134 9.04 23.14 -23.19
CA GLY C 134 7.64 23.00 -23.56
C GLY C 134 7.34 22.26 -24.84
N GLN C 135 8.34 22.01 -25.68
CA GLN C 135 8.08 21.31 -26.92
C GLN C 135 9.28 20.44 -27.23
N GLU C 136 9.14 19.56 -28.21
CA GLU C 136 10.26 18.71 -28.57
C GLU C 136 10.62 18.99 -30.02
N GLN C 137 11.81 19.56 -30.19
CA GLN C 137 12.31 19.92 -31.51
C GLN C 137 12.66 18.72 -32.36
N ASP C 138 12.32 18.80 -33.64
CA ASP C 138 12.69 17.75 -34.57
C ASP C 138 13.52 18.42 -35.67
N SER C 139 13.78 19.72 -35.46
CA SER C 139 14.57 20.55 -36.35
C SER C 139 15.27 21.59 -35.47
N TYR C 140 16.08 22.45 -36.08
CA TYR C 140 16.80 23.48 -35.31
C TYR C 140 15.87 24.58 -34.80
N GLY C 141 15.25 24.34 -33.66
CA GLY C 141 14.35 25.32 -33.06
C GLY C 141 12.91 25.10 -33.44
N GLY C 142 12.61 24.07 -34.25
CA GLY C 142 11.24 23.84 -34.65
C GLY C 142 10.72 22.42 -34.83
N LYS C 143 9.77 22.28 -35.75
CA LYS C 143 9.13 20.99 -36.04
C LYS C 143 8.65 20.26 -34.77
N PHE C 144 7.80 20.95 -34.02
CA PHE C 144 7.24 20.44 -32.78
C PHE C 144 6.16 19.40 -33.01
N ASP C 145 6.08 18.42 -32.10
CA ASP C 145 5.07 17.34 -32.15
C ASP C 145 4.13 17.59 -30.97
N ARG C 146 2.83 17.66 -31.24
CA ARG C 146 1.88 17.95 -30.17
C ARG C 146 1.85 16.89 -29.09
N SER C 147 2.05 15.64 -29.48
CA SER C 147 2.02 14.50 -28.56
C SER C 147 3.23 14.38 -27.63
N GLN C 148 4.17 15.30 -27.77
CA GLN C 148 5.36 15.31 -26.93
C GLN C 148 5.41 16.60 -26.12
N SER C 149 4.41 17.46 -26.32
CA SER C 149 4.35 18.75 -25.65
C SER C 149 4.22 18.61 -24.16
N PHE C 150 4.91 19.46 -23.43
CA PHE C 150 4.86 19.45 -21.98
C PHE C 150 3.83 20.41 -21.47
N VAL C 151 2.94 19.94 -20.63
CA VAL C 151 1.95 20.84 -20.06
C VAL C 151 2.04 20.67 -18.57
N GLY C 152 2.36 21.76 -17.89
CA GLY C 152 2.50 21.74 -16.45
C GLY C 152 3.38 22.92 -16.09
N GLU C 153 4.15 22.82 -15.03
CA GLU C 153 4.99 23.92 -14.61
C GLU C 153 6.46 23.53 -14.53
N ILE C 154 7.36 24.47 -14.78
CA ILE C 154 8.81 24.23 -14.70
C ILE C 154 9.43 25.39 -13.95
N GLY C 155 10.39 25.10 -13.08
CA GLY C 155 11.07 26.14 -12.33
C GLY C 155 12.49 25.71 -11.96
N ASP C 156 13.21 26.62 -11.32
CA ASP C 156 14.56 26.36 -10.85
C ASP C 156 15.53 25.62 -11.78
N LEU C 157 15.57 26.04 -13.05
CA LEU C 157 16.46 25.45 -14.05
C LEU C 157 17.87 26.05 -13.89
N TYR C 158 18.89 25.19 -13.85
CA TYR C 158 20.29 25.59 -13.76
C TYR C 158 21.11 24.59 -14.57
N MET C 159 22.13 25.06 -15.27
CA MET C 159 22.98 24.18 -16.03
C MET C 159 24.45 24.60 -15.92
N TRP C 160 25.27 23.69 -15.40
CA TRP C 160 26.68 23.93 -15.24
C TRP C 160 27.44 23.16 -16.30
N ASP C 161 28.66 23.56 -16.56
CA ASP C 161 29.48 22.90 -17.56
C ASP C 161 30.35 21.81 -16.96
N SER C 162 30.20 21.58 -15.66
CA SER C 162 30.98 20.54 -14.98
C SER C 162 30.04 19.47 -14.46
N VAL C 163 30.60 18.39 -13.94
CA VAL C 163 29.77 17.33 -13.39
C VAL C 163 29.73 17.52 -11.87
N LEU C 164 28.62 18.04 -11.37
CA LEU C 164 28.45 18.28 -9.93
C LEU C 164 28.53 17.02 -9.03
N PRO C 165 29.15 17.17 -7.85
CA PRO C 165 29.29 16.08 -6.87
C PRO C 165 28.01 15.99 -6.03
N PRO C 166 27.75 14.81 -5.41
CA PRO C 166 26.56 14.61 -4.58
C PRO C 166 26.14 15.77 -3.70
N GLU C 167 27.08 16.38 -2.99
CA GLU C 167 26.72 17.48 -2.12
C GLU C 167 26.20 18.70 -2.82
N ASN C 168 26.64 18.92 -4.06
CA ASN C 168 26.16 20.05 -4.86
C ASN C 168 24.80 19.79 -5.48
N ILE C 169 24.48 18.52 -5.70
CA ILE C 169 23.19 18.09 -6.24
C ILE C 169 22.12 18.31 -5.15
N LEU C 170 22.40 17.81 -3.95
CA LEU C 170 21.48 17.94 -2.84
C LEU C 170 21.21 19.38 -2.44
N SER C 171 22.20 20.26 -2.63
CA SER C 171 22.02 21.66 -2.29
C SER C 171 21.01 22.28 -3.24
N ALA C 172 21.17 21.97 -4.51
CA ALA C 172 20.27 22.46 -5.55
C ALA C 172 18.86 21.99 -5.20
N TYR C 173 18.78 20.72 -4.85
CA TYR C 173 17.54 20.09 -4.49
C TYR C 173 16.94 20.78 -3.28
N GLN C 174 17.79 21.18 -2.35
CA GLN C 174 17.35 21.83 -1.12
C GLN C 174 17.08 23.31 -1.27
N GLY C 175 17.34 23.84 -2.45
CA GLY C 175 17.06 25.25 -2.67
C GLY C 175 18.21 26.22 -2.54
N THR C 176 19.42 25.70 -2.41
CA THR C 176 20.59 26.56 -2.30
C THR C 176 21.64 26.09 -3.30
N PRO C 177 21.34 26.21 -4.61
CA PRO C 177 22.24 25.78 -5.69
C PRO C 177 23.48 26.62 -5.89
N LEU C 178 24.49 25.97 -6.47
CA LEU C 178 25.72 26.66 -6.79
C LEU C 178 25.40 27.47 -8.03
N PRO C 179 26.03 28.64 -8.17
CA PRO C 179 25.78 29.48 -9.33
C PRO C 179 26.11 28.70 -10.59
N ALA C 180 25.19 28.72 -11.54
CA ALA C 180 25.41 28.00 -12.79
C ALA C 180 26.04 28.90 -13.83
N ASN C 181 26.78 28.31 -14.75
CA ASN C 181 27.46 29.08 -15.78
C ASN C 181 26.94 28.90 -17.21
N ILE C 182 26.05 27.93 -17.44
CA ILE C 182 25.52 27.76 -18.78
C ILE C 182 24.08 28.26 -18.85
N LEU C 183 23.34 28.11 -17.77
CA LEU C 183 21.94 28.56 -17.70
C LEU C 183 21.68 28.80 -16.21
N ASP C 184 21.20 29.99 -15.86
CA ASP C 184 20.95 30.27 -14.44
C ASP C 184 19.56 30.88 -14.27
N TRP C 185 18.77 30.29 -13.38
CA TRP C 185 17.40 30.75 -13.16
C TRP C 185 17.33 32.19 -12.62
N GLN C 186 18.37 32.59 -11.90
CA GLN C 186 18.41 33.92 -11.31
C GLN C 186 18.94 34.98 -12.25
N ALA C 187 19.18 34.59 -13.50
CA ALA C 187 19.67 35.50 -14.52
C ALA C 187 19.41 34.78 -15.83
N LEU C 188 18.14 34.51 -16.10
CA LEU C 188 17.76 33.80 -17.30
C LEU C 188 17.49 34.68 -18.51
N ASN C 189 17.87 34.18 -19.69
CA ASN C 189 17.69 34.89 -20.94
C ASN C 189 16.73 34.07 -21.80
N TYR C 190 15.45 34.38 -21.73
CA TYR C 190 14.43 33.63 -22.45
C TYR C 190 13.56 34.41 -23.44
N GLU C 191 12.74 33.67 -24.20
CA GLU C 191 11.82 34.24 -25.19
C GLU C 191 10.51 33.50 -25.16
N ILE C 192 9.53 34.03 -24.44
CA ILE C 192 8.22 33.39 -24.37
C ILE C 192 7.52 33.47 -25.73
N ARG C 193 7.13 32.32 -26.26
CA ARG C 193 6.47 32.24 -27.56
C ARG C 193 5.19 31.41 -27.45
N GLY C 194 4.05 32.06 -27.51
CA GLY C 194 2.79 31.36 -27.41
C GLY C 194 2.16 31.61 -26.06
N TYR C 195 1.30 30.70 -25.63
CA TYR C 195 0.62 30.84 -24.36
C TYR C 195 1.42 30.21 -23.22
N VAL C 196 2.20 31.03 -22.52
CA VAL C 196 2.94 30.56 -21.35
C VAL C 196 3.05 31.68 -20.34
N ILE C 197 2.42 31.46 -19.19
CA ILE C 197 2.36 32.41 -18.09
C ILE C 197 3.48 32.22 -17.07
N ILE C 198 3.83 33.28 -16.36
CA ILE C 198 4.85 33.21 -15.31
C ILE C 198 4.13 33.43 -14.01
N LYS C 199 4.30 32.51 -13.06
CA LYS C 199 3.62 32.61 -11.78
C LYS C 199 4.58 32.19 -10.70
N PRO C 200 4.25 32.49 -9.45
CA PRO C 200 5.13 32.10 -8.34
C PRO C 200 5.09 30.59 -8.08
N LEU C 201 6.19 30.06 -7.54
CA LEU C 201 6.31 28.64 -7.24
C LEU C 201 5.63 28.39 -5.92
N VAL C 202 4.44 27.82 -5.97
CA VAL C 202 3.66 27.55 -4.76
C VAL C 202 3.76 26.11 -4.25
N TRP C 203 4.27 25.22 -5.09
CA TRP C 203 4.34 23.81 -4.72
C TRP C 203 5.63 23.30 -4.14
N VAL C 204 6.47 24.20 -3.67
CA VAL C 204 7.73 23.79 -3.06
C VAL C 204 7.83 24.49 -1.72
N HIS D 1 -29.90 37.18 5.49
CA HIS D 1 -28.80 36.17 5.50
C HIS D 1 -28.69 35.36 6.80
N THR D 2 -28.49 34.05 6.62
CA THR D 2 -28.38 33.10 7.72
C THR D 2 -26.93 32.69 7.97
N ASP D 3 -26.57 32.49 9.23
CA ASP D 3 -25.23 32.05 9.59
C ASP D 3 -25.22 30.51 9.73
N LEU D 4 -24.74 29.83 8.69
CA LEU D 4 -24.67 28.38 8.69
C LEU D 4 -23.40 27.82 9.32
N SER D 5 -22.72 28.64 10.11
CA SER D 5 -21.49 28.23 10.79
C SER D 5 -21.71 26.96 11.58
N GLY D 6 -20.78 26.01 11.41
CA GLY D 6 -20.84 24.74 12.12
C GLY D 6 -21.89 23.76 11.62
N LYS D 7 -22.48 24.05 10.46
CA LYS D 7 -23.50 23.21 9.90
C LYS D 7 -23.22 22.94 8.44
N VAL D 8 -23.99 22.04 7.85
CA VAL D 8 -23.83 21.66 6.45
C VAL D 8 -25.17 21.28 5.86
N PHE D 9 -25.26 21.35 4.53
CA PHE D 9 -26.49 20.97 3.84
C PHE D 9 -26.26 19.49 3.55
N VAL D 10 -27.20 18.63 3.91
CA VAL D 10 -27.05 17.23 3.60
C VAL D 10 -28.13 16.85 2.61
N PHE D 11 -27.70 16.48 1.41
CA PHE D 11 -28.62 16.04 0.35
C PHE D 11 -28.61 14.53 0.56
N PRO D 12 -29.65 14.01 1.23
CA PRO D 12 -29.80 12.58 1.56
C PRO D 12 -30.13 11.54 0.51
N ARG D 13 -30.44 11.95 -0.71
CA ARG D 13 -30.78 10.96 -1.74
C ARG D 13 -30.63 11.39 -3.20
N GLU D 14 -30.53 10.41 -4.07
CA GLU D 14 -30.38 10.68 -5.49
C GLU D 14 -31.74 11.11 -5.99
N SER D 15 -31.79 12.24 -6.68
CA SER D 15 -33.05 12.75 -7.22
C SER D 15 -32.77 13.75 -8.32
N VAL D 16 -33.85 14.22 -8.93
CA VAL D 16 -33.74 15.22 -9.99
C VAL D 16 -34.63 16.35 -9.48
N THR D 17 -34.66 16.47 -8.16
CA THR D 17 -35.50 17.43 -7.45
C THR D 17 -34.86 18.27 -6.38
N ASP D 18 -34.23 17.61 -5.43
CA ASP D 18 -33.63 18.32 -4.32
C ASP D 18 -32.48 19.19 -4.77
N HIS D 19 -32.40 20.37 -4.18
CA HIS D 19 -31.34 21.30 -4.47
C HIS D 19 -31.51 22.52 -3.62
N VAL D 20 -30.49 23.35 -3.62
CA VAL D 20 -30.51 24.59 -2.86
C VAL D 20 -30.16 25.72 -3.81
N ASN D 21 -30.85 26.86 -3.66
CA ASN D 21 -30.57 28.02 -4.49
C ASN D 21 -29.80 29.04 -3.65
N LEU D 22 -28.59 29.35 -4.11
CA LEU D 22 -27.75 30.32 -3.44
C LEU D 22 -28.05 31.67 -4.12
N ILE D 23 -28.29 32.69 -3.31
CA ILE D 23 -28.62 34.01 -3.84
C ILE D 23 -27.55 35.05 -3.62
N THR D 24 -27.10 35.65 -4.72
CA THR D 24 -26.09 36.68 -4.62
C THR D 24 -26.35 37.83 -5.58
N PRO D 25 -26.07 39.05 -5.11
CA PRO D 25 -26.23 40.29 -5.88
C PRO D 25 -25.01 40.49 -6.82
N LEU D 26 -24.79 39.54 -7.70
CA LEU D 26 -23.67 39.62 -8.63
C LEU D 26 -24.23 40.36 -9.84
N GLU D 27 -24.03 41.67 -9.83
CA GLU D 27 -24.55 42.53 -10.91
C GLU D 27 -23.55 42.89 -12.00
N LYS D 28 -22.27 42.81 -11.66
CA LYS D 28 -21.18 43.12 -12.58
C LYS D 28 -20.44 41.84 -12.91
N PRO D 29 -20.08 41.62 -14.18
CA PRO D 29 -19.37 40.42 -14.64
C PRO D 29 -18.11 40.11 -13.85
N LEU D 30 -17.90 38.81 -13.62
CA LEU D 30 -16.75 38.31 -12.88
C LEU D 30 -15.53 38.25 -13.75
N GLN D 31 -14.43 38.71 -13.21
CA GLN D 31 -13.18 38.74 -13.94
C GLN D 31 -12.15 37.90 -13.19
N ASN D 32 -12.24 37.92 -11.86
CA ASN D 32 -11.35 37.16 -10.99
C ASN D 32 -12.25 36.59 -9.90
N PHE D 33 -11.85 35.47 -9.30
CA PHE D 33 -12.63 34.86 -8.22
C PHE D 33 -11.93 33.70 -7.55
N THR D 34 -12.42 33.33 -6.38
CA THR D 34 -11.90 32.19 -5.61
C THR D 34 -13.12 31.56 -4.94
N LEU D 35 -13.22 30.24 -5.04
CA LEU D 35 -14.32 29.49 -4.47
C LEU D 35 -13.77 28.38 -3.57
N CYS D 36 -14.28 28.30 -2.35
CA CYS D 36 -13.85 27.28 -1.39
C CYS D 36 -15.04 26.63 -0.68
N PHE D 37 -14.93 25.33 -0.40
CA PHE D 37 -16.00 24.60 0.29
C PHE D 37 -15.57 23.18 0.64
N ARG D 38 -16.30 22.56 1.57
CA ARG D 38 -16.02 21.19 1.97
C ARG D 38 -17.15 20.31 1.44
N ALA D 39 -16.80 19.08 1.08
CA ALA D 39 -17.79 18.15 0.57
C ALA D 39 -17.43 16.76 1.11
N TYR D 40 -18.46 15.96 1.35
CA TYR D 40 -18.29 14.61 1.85
C TYR D 40 -19.32 13.74 1.15
N SER D 41 -18.87 12.82 0.30
CA SER D 41 -19.78 11.94 -0.42
C SER D 41 -19.13 10.63 -0.85
N ASP D 42 -19.92 9.56 -0.90
CA ASP D 42 -19.40 8.25 -1.29
C ASP D 42 -19.94 7.78 -2.63
N LEU D 43 -20.25 8.75 -3.47
CA LEU D 43 -20.78 8.52 -4.81
C LEU D 43 -19.58 8.13 -5.67
N SER D 44 -19.74 7.09 -6.49
CA SER D 44 -18.64 6.66 -7.35
C SER D 44 -18.69 7.37 -8.67
N ARG D 45 -19.90 7.69 -9.13
CA ARG D 45 -20.13 8.39 -10.38
C ARG D 45 -19.73 9.87 -10.37
N ALA D 46 -19.88 10.49 -11.53
CA ALA D 46 -19.56 11.89 -11.66
C ALA D 46 -20.72 12.66 -11.12
N TYR D 47 -20.43 13.83 -10.58
CA TYR D 47 -21.48 14.66 -10.06
C TYR D 47 -21.04 16.11 -10.01
N SER D 48 -22.01 17.02 -10.06
CA SER D 48 -21.71 18.43 -10.02
C SER D 48 -21.50 18.92 -8.59
N LEU D 49 -20.42 19.65 -8.37
CA LEU D 49 -20.14 20.20 -7.04
C LEU D 49 -20.74 21.60 -6.87
N PHE D 50 -20.64 22.43 -7.92
CA PHE D 50 -21.14 23.81 -7.90
C PHE D 50 -21.53 24.28 -9.31
N SER D 51 -22.84 24.52 -9.51
CA SER D 51 -23.38 24.96 -10.80
C SER D 51 -23.72 26.45 -10.80
N TYR D 52 -23.32 27.12 -11.87
CA TYR D 52 -23.53 28.57 -12.01
C TYR D 52 -23.85 28.89 -13.48
N ASN D 53 -25.13 29.14 -13.75
CA ASN D 53 -25.62 29.47 -15.08
C ASN D 53 -26.22 30.87 -15.18
N THR D 54 -26.13 31.47 -16.35
CA THR D 54 -26.69 32.79 -16.62
C THR D 54 -27.62 32.56 -17.81
N GLN D 55 -28.51 33.52 -18.11
CA GLN D 55 -29.45 33.31 -19.23
C GLN D 55 -28.77 33.05 -20.57
N GLY D 56 -29.21 32.01 -21.26
CA GLY D 56 -28.64 31.67 -22.56
C GLY D 56 -27.25 31.04 -22.50
N ARG D 57 -26.73 30.91 -21.27
CA ARG D 57 -25.41 30.35 -21.04
C ARG D 57 -25.47 29.14 -20.11
N ASP D 58 -24.98 28.01 -20.62
CA ASP D 58 -24.92 26.77 -19.83
C ASP D 58 -23.46 26.60 -19.40
N ASN D 59 -23.24 26.09 -18.19
CA ASN D 59 -21.89 25.90 -17.69
C ASN D 59 -21.09 27.19 -17.78
N GLU D 60 -21.61 28.26 -17.21
CA GLU D 60 -20.88 29.52 -17.26
C GLU D 60 -19.72 29.36 -16.29
N LEU D 61 -20.00 28.74 -15.16
CA LEU D 61 -19.00 28.46 -14.13
C LEU D 61 -19.50 27.19 -13.45
N LEU D 62 -18.80 26.08 -13.68
CA LEU D 62 -19.17 24.78 -13.11
C LEU D 62 -17.97 24.01 -12.55
N VAL D 63 -18.08 23.59 -11.29
CA VAL D 63 -17.02 22.79 -10.67
C VAL D 63 -17.61 21.37 -10.70
N TYR D 64 -17.07 20.54 -11.56
CA TYR D 64 -17.60 19.19 -11.75
C TYR D 64 -16.57 18.12 -11.42
N LYS D 65 -16.99 17.02 -10.80
CA LYS D 65 -16.08 15.94 -10.46
C LYS D 65 -16.26 14.73 -11.35
N GLU D 66 -15.28 14.53 -12.23
CA GLU D 66 -15.27 13.47 -13.22
C GLU D 66 -15.28 12.07 -12.68
N ARG D 67 -14.42 11.83 -11.69
CA ARG D 67 -14.25 10.54 -11.04
C ARG D 67 -13.27 10.78 -9.90
N VAL D 68 -12.83 9.72 -9.23
CA VAL D 68 -11.91 9.90 -8.10
C VAL D 68 -10.57 10.52 -8.49
N GLY D 69 -10.17 11.54 -7.72
CA GLY D 69 -8.93 12.24 -7.93
C GLY D 69 -8.84 13.05 -9.22
N GLU D 70 -9.99 13.43 -9.76
CA GLU D 70 -10.04 14.17 -11.02
C GLU D 70 -11.11 15.24 -10.95
N TYR D 71 -10.68 16.50 -10.90
CA TYR D 71 -11.57 17.65 -10.83
C TYR D 71 -11.58 18.51 -12.08
N SER D 72 -12.76 18.91 -12.53
CA SER D 72 -12.88 19.77 -13.71
C SER D 72 -13.46 21.13 -13.38
N LEU D 73 -13.06 22.12 -14.15
CA LEU D 73 -13.55 23.48 -14.01
C LEU D 73 -13.98 23.94 -15.38
N TYR D 74 -15.19 24.51 -15.45
CA TYR D 74 -15.74 25.04 -16.69
C TYR D 74 -15.84 26.56 -16.58
N ILE D 75 -15.35 27.28 -17.58
CA ILE D 75 -15.46 28.74 -17.61
C ILE D 75 -16.02 29.03 -18.98
N GLY D 76 -17.25 29.51 -19.01
CA GLY D 76 -17.88 29.81 -20.28
C GLY D 76 -17.85 28.60 -21.19
N ARG D 77 -18.40 27.49 -20.74
CA ARG D 77 -18.45 26.28 -21.54
C ARG D 77 -17.10 25.64 -21.89
N HIS D 78 -15.99 26.25 -21.46
CA HIS D 78 -14.67 25.69 -21.70
C HIS D 78 -14.28 24.91 -20.47
N LYS D 79 -13.36 23.96 -20.63
CA LYS D 79 -13.03 23.07 -19.52
C LYS D 79 -11.57 22.69 -19.28
N VAL D 80 -11.18 22.60 -18.00
CA VAL D 80 -9.85 22.15 -17.64
C VAL D 80 -10.04 21.09 -16.56
N THR D 81 -9.15 20.11 -16.54
CA THR D 81 -9.22 19.03 -15.56
C THR D 81 -7.85 18.76 -14.93
N SER D 82 -7.78 18.68 -13.62
CA SER D 82 -6.50 18.41 -12.96
C SER D 82 -6.60 17.24 -12.01
N LYS D 83 -5.56 16.42 -11.98
CA LYS D 83 -5.52 15.22 -11.14
C LYS D 83 -4.88 15.40 -9.78
N VAL D 84 -5.28 14.54 -8.86
CA VAL D 84 -4.77 14.56 -7.50
C VAL D 84 -4.89 13.15 -6.90
N ILE D 85 -4.02 12.83 -5.94
CA ILE D 85 -4.06 11.55 -5.26
C ILE D 85 -5.02 11.67 -4.06
N GLU D 86 -6.06 10.85 -4.03
CA GLU D 86 -7.00 10.92 -2.92
C GLU D 86 -7.65 9.60 -2.59
N LYS D 87 -8.10 9.48 -1.34
CA LYS D 87 -8.76 8.26 -0.85
C LYS D 87 -10.24 8.30 -1.13
N PHE D 88 -10.90 7.16 -1.08
CA PHE D 88 -12.33 7.11 -1.32
C PHE D 88 -13.00 6.09 -0.42
N PRO D 89 -14.03 6.52 0.31
CA PRO D 89 -14.55 7.87 0.34
C PRO D 89 -13.83 8.61 1.42
N ALA D 90 -13.89 9.93 1.39
CA ALA D 90 -13.23 10.77 2.40
C ALA D 90 -13.65 12.24 2.20
N PRO D 91 -13.73 13.01 3.29
CA PRO D 91 -14.11 14.41 3.17
C PRO D 91 -13.03 15.18 2.41
N VAL D 92 -13.42 16.26 1.75
CA VAL D 92 -12.49 17.06 0.96
C VAL D 92 -12.70 18.56 1.13
N HIS D 93 -11.62 19.32 0.96
CA HIS D 93 -11.71 20.76 1.02
C HIS D 93 -11.18 21.26 -0.31
N ILE D 94 -12.08 21.82 -1.12
CA ILE D 94 -11.77 22.34 -2.45
C ILE D 94 -11.77 23.88 -2.53
N CYS D 95 -10.76 24.44 -3.19
CA CYS D 95 -10.69 25.88 -3.43
C CYS D 95 -10.22 25.97 -4.88
N VAL D 96 -11.01 26.60 -5.73
CA VAL D 96 -10.62 26.77 -7.12
C VAL D 96 -10.63 28.26 -7.38
N SER D 97 -9.65 28.77 -8.11
CA SER D 97 -9.59 30.20 -8.42
C SER D 97 -9.23 30.41 -9.89
N TRP D 98 -9.81 31.47 -10.48
CA TRP D 98 -9.58 31.80 -11.88
C TRP D 98 -9.34 33.28 -12.00
N GLU D 99 -8.52 33.63 -12.99
CA GLU D 99 -8.12 35.00 -13.25
C GLU D 99 -8.10 35.27 -14.76
N SER D 100 -9.03 36.12 -15.19
CA SER D 100 -9.21 36.47 -16.61
C SER D 100 -7.96 36.89 -17.36
N SER D 101 -7.18 37.79 -16.78
CA SER D 101 -5.98 38.28 -17.43
C SER D 101 -5.04 37.20 -17.96
N SER D 102 -4.77 36.17 -17.15
CA SER D 102 -3.87 35.08 -17.55
C SER D 102 -4.63 33.84 -17.98
N GLY D 103 -5.88 33.73 -17.53
CA GLY D 103 -6.71 32.59 -17.83
C GLY D 103 -6.36 31.38 -16.95
N ILE D 104 -5.43 31.58 -16.01
CA ILE D 104 -4.96 30.52 -15.14
C ILE D 104 -5.92 30.06 -14.06
N ALA D 105 -6.36 28.80 -14.17
CA ALA D 105 -7.26 28.14 -13.21
C ALA D 105 -6.34 27.43 -12.20
N GLU D 106 -6.65 27.55 -10.91
CA GLU D 106 -5.80 26.97 -9.87
C GLU D 106 -6.61 26.23 -8.83
N PHE D 107 -6.41 24.92 -8.73
CA PHE D 107 -7.11 24.07 -7.74
C PHE D 107 -6.26 23.84 -6.48
N TRP D 108 -6.92 23.75 -5.33
CA TRP D 108 -6.21 23.48 -4.08
C TRP D 108 -6.98 22.42 -3.31
N ILE D 109 -6.62 21.15 -3.49
CA ILE D 109 -7.31 20.07 -2.79
C ILE D 109 -6.67 19.83 -1.43
N ASN D 110 -7.47 19.99 -0.38
CA ASN D 110 -7.00 19.82 0.98
C ASN D 110 -5.71 20.55 1.26
N GLY D 111 -5.68 21.85 0.97
CA GLY D 111 -4.48 22.63 1.21
C GLY D 111 -3.30 22.29 0.32
N THR D 112 -3.52 21.50 -0.72
CA THR D 112 -2.45 21.12 -1.63
C THR D 112 -2.77 21.63 -3.02
N PRO D 113 -1.82 22.33 -3.63
CA PRO D 113 -2.02 22.86 -4.97
C PRO D 113 -1.81 21.84 -6.06
N LEU D 114 -2.77 21.74 -6.97
CA LEU D 114 -2.65 20.84 -8.10
C LEU D 114 -1.97 21.66 -9.23
N VAL D 115 -1.67 20.99 -10.34
CA VAL D 115 -1.04 21.66 -11.48
C VAL D 115 -1.98 22.70 -12.08
N LYS D 116 -1.44 23.87 -12.41
CA LYS D 116 -2.22 24.96 -13.01
C LYS D 116 -2.57 24.67 -14.45
N LYS D 117 -3.77 25.07 -14.84
CA LYS D 117 -4.22 24.90 -16.22
C LYS D 117 -4.77 26.25 -16.65
N GLY D 118 -4.87 26.48 -17.94
CA GLY D 118 -5.41 27.75 -18.39
C GLY D 118 -6.54 27.66 -19.37
N LEU D 119 -7.52 28.57 -19.21
CA LEU D 119 -8.67 28.62 -20.11
C LEU D 119 -9.34 29.99 -20.11
N ARG D 120 -9.97 30.31 -21.25
CA ARG D 120 -10.70 31.56 -21.46
C ARG D 120 -9.99 32.80 -20.98
N GLN D 121 -8.79 33.05 -21.50
CA GLN D 121 -8.02 34.22 -21.13
C GLN D 121 -8.73 35.46 -21.67
N GLY D 122 -8.99 36.40 -20.78
CA GLY D 122 -9.65 37.64 -21.15
C GLY D 122 -11.16 37.57 -21.27
N TYR D 123 -11.77 36.57 -20.64
CA TYR D 123 -13.21 36.40 -20.68
C TYR D 123 -13.73 36.98 -19.39
N PHE D 124 -15.04 37.17 -19.33
CA PHE D 124 -15.69 37.69 -18.14
C PHE D 124 -16.88 36.78 -17.91
N VAL D 125 -16.98 36.17 -16.72
CA VAL D 125 -18.12 35.29 -16.48
C VAL D 125 -19.30 36.23 -16.28
N GLU D 126 -20.34 35.99 -17.07
CA GLU D 126 -21.51 36.85 -17.03
C GLU D 126 -22.20 37.01 -15.70
N ALA D 127 -22.62 38.25 -15.43
CA ALA D 127 -23.28 38.59 -14.18
C ALA D 127 -24.68 38.00 -14.09
N GLN D 128 -25.36 38.28 -12.97
CA GLN D 128 -26.73 37.81 -12.71
C GLN D 128 -26.90 36.33 -13.00
N PRO D 129 -26.31 35.48 -12.13
CA PRO D 129 -26.36 34.04 -12.28
C PRO D 129 -27.45 33.36 -11.49
N LYS D 130 -27.52 32.06 -11.72
CA LYS D 130 -28.45 31.17 -11.08
C LYS D 130 -27.49 30.12 -10.52
N ILE D 131 -27.25 30.17 -9.22
CA ILE D 131 -26.33 29.24 -8.56
C ILE D 131 -27.02 28.13 -7.79
N VAL D 132 -26.94 26.88 -8.24
CA VAL D 132 -27.57 25.80 -7.49
C VAL D 132 -26.57 24.78 -6.92
N LEU D 133 -26.95 24.23 -5.77
CA LEU D 133 -26.14 23.23 -5.10
C LEU D 133 -26.94 21.96 -5.13
N GLY D 134 -26.30 20.83 -5.42
CA GLY D 134 -27.03 19.57 -5.44
C GLY D 134 -27.51 19.08 -6.80
N GLN D 135 -27.53 19.96 -7.79
CA GLN D 135 -27.96 19.56 -9.12
C GLN D 135 -27.11 20.25 -10.18
N GLU D 136 -27.16 19.75 -11.40
CA GLU D 136 -26.40 20.37 -12.47
C GLU D 136 -27.39 20.96 -13.47
N GLN D 137 -27.42 22.30 -13.54
CA GLN D 137 -28.30 23.03 -14.45
C GLN D 137 -27.92 22.87 -15.90
N ASP D 138 -28.93 22.74 -16.75
CA ASP D 138 -28.70 22.68 -18.17
C ASP D 138 -29.52 23.81 -18.79
N SER D 139 -30.08 24.65 -17.91
CA SER D 139 -30.87 25.80 -18.28
C SER D 139 -30.69 26.81 -17.15
N TYR D 140 -31.34 27.96 -17.25
CA TYR D 140 -31.21 29.01 -16.23
C TYR D 140 -31.98 28.65 -14.96
N GLY D 141 -31.32 27.87 -14.11
CA GLY D 141 -31.93 27.44 -12.86
C GLY D 141 -32.66 26.11 -12.95
N GLY D 142 -32.57 25.42 -14.08
CA GLY D 142 -33.27 24.16 -14.23
C GLY D 142 -32.66 23.09 -15.13
N LYS D 143 -33.54 22.25 -15.66
CA LYS D 143 -33.20 21.13 -16.52
C LYS D 143 -32.10 20.27 -15.89
N PHE D 144 -32.42 19.73 -14.72
CA PHE D 144 -31.53 18.89 -13.95
C PHE D 144 -31.40 17.47 -14.51
N ASP D 145 -30.20 16.90 -14.41
CA ASP D 145 -29.91 15.53 -14.88
C ASP D 145 -29.70 14.72 -13.61
N ARG D 146 -30.42 13.61 -13.44
CA ARG D 146 -30.29 12.80 -12.22
C ARG D 146 -28.93 12.15 -12.03
N SER D 147 -28.30 11.80 -13.14
CA SER D 147 -27.00 11.17 -13.11
C SER D 147 -25.85 12.13 -12.82
N GLN D 148 -26.19 13.39 -12.54
CA GLN D 148 -25.18 14.37 -12.20
C GLN D 148 -25.48 14.97 -10.84
N SER D 149 -26.51 14.43 -10.17
CA SER D 149 -26.92 14.90 -8.86
C SER D 149 -25.90 14.55 -7.78
N PHE D 150 -25.70 15.48 -6.86
CA PHE D 150 -24.76 15.27 -5.78
C PHE D 150 -25.51 14.79 -4.57
N VAL D 151 -25.06 13.69 -3.99
CA VAL D 151 -25.69 13.21 -2.79
C VAL D 151 -24.55 13.05 -1.81
N GLY D 152 -24.66 13.79 -0.70
CA GLY D 152 -23.65 13.79 0.32
C GLY D 152 -23.85 15.03 1.14
N GLU D 153 -22.77 15.61 1.64
CA GLU D 153 -22.85 16.80 2.49
C GLU D 153 -21.95 17.93 1.97
N ILE D 154 -22.37 19.18 2.14
CA ILE D 154 -21.58 20.36 1.72
C ILE D 154 -21.63 21.42 2.80
N GLY D 155 -20.49 22.04 3.05
CA GLY D 155 -20.46 23.06 4.08
C GLY D 155 -19.31 24.01 3.83
N ASP D 156 -19.22 25.05 4.67
CA ASP D 156 -18.15 26.05 4.56
C ASP D 156 -17.87 26.65 3.16
N LEU D 157 -18.94 27.01 2.45
CA LEU D 157 -18.86 27.61 1.12
C LEU D 157 -18.58 29.11 1.28
N TYR D 158 -17.60 29.59 0.54
CA TYR D 158 -17.22 31.02 0.54
C TYR D 158 -16.76 31.36 -0.87
N MET D 159 -17.12 32.56 -1.34
CA MET D 159 -16.71 33.00 -2.67
C MET D 159 -16.30 34.46 -2.65
N TRP D 160 -15.05 34.70 -3.03
CA TRP D 160 -14.50 36.05 -3.07
C TRP D 160 -14.36 36.46 -4.52
N ASP D 161 -14.33 37.76 -4.77
CA ASP D 161 -14.19 38.26 -6.13
C ASP D 161 -12.74 38.48 -6.52
N SER D 162 -11.83 38.08 -5.64
CA SER D 162 -10.41 38.22 -5.95
C SER D 162 -9.77 36.86 -5.96
N VAL D 163 -8.51 36.81 -6.39
CA VAL D 163 -7.77 35.57 -6.42
C VAL D 163 -6.93 35.50 -5.15
N LEU D 164 -7.37 34.67 -4.20
CA LEU D 164 -6.68 34.51 -2.91
C LEU D 164 -5.31 33.88 -3.01
N PRO D 165 -4.37 34.38 -2.21
CA PRO D 165 -2.98 33.91 -2.15
C PRO D 165 -2.90 32.67 -1.26
N PRO D 166 -1.84 31.86 -1.42
CA PRO D 166 -1.66 30.63 -0.64
C PRO D 166 -2.03 30.75 0.84
N GLU D 167 -1.57 31.80 1.52
CA GLU D 167 -1.86 31.96 2.94
C GLU D 167 -3.35 31.96 3.21
N ASN D 168 -4.09 32.66 2.37
CA ASN D 168 -5.53 32.78 2.53
C ASN D 168 -6.29 31.51 2.21
N ILE D 169 -5.70 30.67 1.35
CA ILE D 169 -6.28 29.38 0.97
C ILE D 169 -6.19 28.46 2.20
N LEU D 170 -4.97 28.33 2.73
CA LEU D 170 -4.73 27.50 3.90
C LEU D 170 -5.52 27.91 5.11
N SER D 171 -5.74 29.20 5.30
CA SER D 171 -6.53 29.66 6.43
C SER D 171 -7.94 29.13 6.31
N ALA D 172 -8.50 29.26 5.11
CA ALA D 172 -9.85 28.79 4.83
C ALA D 172 -9.93 27.31 5.11
N TYR D 173 -8.87 26.63 4.70
CA TYR D 173 -8.75 25.20 4.89
C TYR D 173 -8.65 24.83 6.36
N GLN D 174 -7.98 25.69 7.13
CA GLN D 174 -7.80 25.45 8.55
C GLN D 174 -8.98 25.89 9.42
N GLY D 175 -9.99 26.49 8.79
CA GLY D 175 -11.17 26.91 9.53
C GLY D 175 -11.27 28.37 9.94
N THR D 176 -10.34 29.20 9.45
CA THR D 176 -10.35 30.62 9.75
C THR D 176 -10.25 31.42 8.45
N PRO D 177 -11.29 31.33 7.61
CA PRO D 177 -11.35 32.02 6.32
C PRO D 177 -11.49 33.53 6.39
N LEU D 178 -11.06 34.19 5.31
CA LEU D 178 -11.19 35.63 5.22
C LEU D 178 -12.65 35.85 4.88
N PRO D 179 -13.20 37.03 5.23
CA PRO D 179 -14.60 37.30 4.92
C PRO D 179 -14.80 37.31 3.41
N ALA D 180 -15.80 36.57 2.94
CA ALA D 180 -16.10 36.51 1.52
C ALA D 180 -17.10 37.59 1.14
N ASN D 181 -17.00 38.08 -0.10
CA ASN D 181 -17.89 39.13 -0.57
C ASN D 181 -18.91 38.72 -1.62
N ILE D 182 -18.75 37.56 -2.24
CA ILE D 182 -19.72 37.10 -3.23
C ILE D 182 -20.69 36.09 -2.62
N LEU D 183 -20.21 35.25 -1.70
CA LEU D 183 -21.01 34.21 -1.03
C LEU D 183 -20.30 33.98 0.31
N ASP D 184 -21.03 34.03 1.42
CA ASP D 184 -20.41 33.80 2.74
C ASP D 184 -21.25 32.84 3.57
N TRP D 185 -20.61 31.80 4.10
CA TRP D 185 -21.31 30.77 4.90
C TRP D 185 -21.91 31.29 6.19
N GLN D 186 -21.33 32.36 6.69
CA GLN D 186 -21.78 32.97 7.92
C GLN D 186 -22.87 34.03 7.72
N ALA D 187 -23.34 34.16 6.49
CA ALA D 187 -24.39 35.13 6.14
C ALA D 187 -24.90 34.71 4.77
N LEU D 188 -25.38 33.47 4.69
CA LEU D 188 -25.86 32.89 3.45
C LEU D 188 -27.31 33.19 3.14
N ASN D 189 -27.59 33.39 1.86
CA ASN D 189 -28.93 33.67 1.39
C ASN D 189 -29.34 32.52 0.48
N TYR D 190 -30.01 31.52 1.03
CA TYR D 190 -30.37 30.37 0.25
C TYR D 190 -31.86 30.06 0.16
N GLU D 191 -32.19 29.07 -0.66
CA GLU D 191 -33.56 28.64 -0.84
C GLU D 191 -33.56 27.13 -0.97
N ILE D 192 -33.96 26.44 0.10
CA ILE D 192 -33.99 24.98 0.06
C ILE D 192 -35.21 24.51 -0.71
N ARG D 193 -34.96 23.64 -1.69
CA ARG D 193 -36.00 23.09 -2.53
C ARG D 193 -35.87 21.58 -2.60
N GLY D 194 -36.93 20.90 -2.18
CA GLY D 194 -36.92 19.46 -2.18
C GLY D 194 -36.44 18.94 -0.84
N TYR D 195 -35.92 17.72 -0.84
CA TYR D 195 -35.45 17.08 0.38
C TYR D 195 -33.99 17.38 0.68
N VAL D 196 -33.74 18.36 1.53
CA VAL D 196 -32.38 18.68 1.93
C VAL D 196 -32.40 19.20 3.35
N ILE D 197 -31.73 18.46 4.23
CA ILE D 197 -31.66 18.73 5.66
C ILE D 197 -30.40 19.50 6.07
N ILE D 198 -30.50 20.30 7.12
CA ILE D 198 -29.37 21.05 7.63
C ILE D 198 -28.99 20.36 8.94
N LYS D 199 -27.71 20.01 9.07
CA LYS D 199 -27.23 19.33 10.26
C LYS D 199 -25.88 19.89 10.59
N PRO D 200 -25.39 19.61 11.79
CA PRO D 200 -24.07 20.13 12.18
C PRO D 200 -22.95 19.37 11.49
N LEU D 201 -21.82 20.05 11.31
CA LEU D 201 -20.65 19.47 10.65
C LEU D 201 -19.90 18.61 11.64
N VAL D 202 -20.09 17.29 11.55
CA VAL D 202 -19.45 16.34 12.46
C VAL D 202 -18.15 15.74 11.96
N TRP D 203 -17.90 15.82 10.66
CA TRP D 203 -16.71 15.22 10.06
C TRP D 203 -15.48 16.09 9.88
N VAL D 204 -15.41 17.19 10.61
CA VAL D 204 -14.24 18.06 10.54
C VAL D 204 -13.78 18.35 11.96
N HIS E 1 -32.06 -10.99 33.03
CA HIS E 1 -31.42 -9.71 33.47
C HIS E 1 -29.96 -10.06 33.76
N THR E 2 -29.17 -10.28 32.70
CA THR E 2 -27.77 -10.68 32.81
C THR E 2 -26.73 -9.64 32.40
N ASP E 3 -25.61 -9.60 33.10
CA ASP E 3 -24.55 -8.64 32.77
C ASP E 3 -23.49 -9.35 31.94
N LEU E 4 -23.53 -9.09 30.64
CA LEU E 4 -22.60 -9.69 29.72
C LEU E 4 -21.31 -8.88 29.56
N SER E 5 -21.07 -7.96 30.47
CA SER E 5 -19.86 -7.14 30.42
C SER E 5 -18.62 -8.01 30.25
N GLY E 6 -17.74 -7.59 29.36
CA GLY E 6 -16.50 -8.30 29.13
C GLY E 6 -16.62 -9.63 28.42
N LYS E 7 -17.80 -9.89 27.88
CA LYS E 7 -18.01 -11.13 27.17
C LYS E 7 -18.68 -10.85 25.83
N VAL E 8 -18.86 -11.90 25.04
CA VAL E 8 -19.46 -11.77 23.72
C VAL E 8 -20.11 -13.07 23.34
N PHE E 9 -21.09 -13.00 22.45
CA PHE E 9 -21.74 -14.20 21.96
C PHE E 9 -20.89 -14.64 20.78
N VAL E 10 -20.51 -15.89 20.73
CA VAL E 10 -19.75 -16.35 19.59
C VAL E 10 -20.57 -17.40 18.87
N PHE E 11 -20.96 -17.08 17.62
CA PHE E 11 -21.73 -17.99 16.74
C PHE E 11 -20.60 -18.69 15.99
N PRO E 12 -20.25 -19.91 16.39
CA PRO E 12 -19.17 -20.72 15.81
C PRO E 12 -19.32 -21.40 14.46
N ARG E 13 -20.51 -21.37 13.86
CA ARG E 13 -20.67 -22.03 12.56
C ARG E 13 -21.83 -21.53 11.72
N GLU E 14 -21.74 -21.81 10.43
CA GLU E 14 -22.78 -21.42 9.50
C GLU E 14 -23.93 -22.38 9.71
N SER E 15 -25.12 -21.83 9.89
CA SER E 15 -26.31 -22.65 10.10
C SER E 15 -27.57 -21.85 9.82
N VAL E 16 -28.71 -22.53 9.86
CA VAL E 16 -29.99 -21.89 9.65
C VAL E 16 -30.74 -22.18 10.97
N THR E 17 -29.96 -22.33 12.03
CA THR E 17 -30.45 -22.69 13.35
C THR E 17 -30.04 -21.83 14.53
N ASP E 18 -28.74 -21.64 14.68
CA ASP E 18 -28.21 -20.89 15.80
C ASP E 18 -28.59 -19.43 15.75
N HIS E 19 -28.95 -18.88 16.91
CA HIS E 19 -29.31 -17.49 17.03
C HIS E 19 -29.62 -17.15 18.47
N VAL E 20 -29.75 -15.87 18.73
CA VAL E 20 -30.05 -15.41 20.07
C VAL E 20 -31.26 -14.50 19.96
N ASN E 21 -32.16 -14.58 20.93
CA ASN E 21 -33.36 -13.73 20.95
C ASN E 21 -33.20 -12.66 22.02
N LEU E 22 -33.13 -11.41 21.59
CA LEU E 22 -33.01 -10.28 22.51
C LEU E 22 -34.43 -9.89 22.91
N ILE E 23 -34.64 -9.73 24.20
CA ILE E 23 -35.95 -9.39 24.70
C ILE E 23 -36.02 -8.00 25.26
N THR E 24 -36.95 -7.25 24.70
CA THR E 24 -37.18 -5.88 25.09
C THR E 24 -38.68 -5.54 25.17
N PRO E 25 -39.05 -4.79 26.22
CA PRO E 25 -40.41 -4.34 26.50
C PRO E 25 -40.78 -3.07 25.68
N LEU E 26 -40.72 -3.19 24.36
CA LEU E 26 -41.04 -2.08 23.49
C LEU E 26 -42.50 -2.25 23.14
N GLU E 27 -43.35 -1.43 23.74
CA GLU E 27 -44.79 -1.52 23.49
C GLU E 27 -45.30 -0.26 22.76
N LYS E 28 -44.46 0.77 22.74
CA LYS E 28 -44.78 2.05 22.10
C LYS E 28 -43.76 2.27 20.95
N PRO E 29 -44.25 2.60 19.74
CA PRO E 29 -43.45 2.83 18.52
C PRO E 29 -42.19 3.70 18.60
N LEU E 30 -41.17 3.29 17.84
CA LEU E 30 -39.89 3.97 17.78
C LEU E 30 -39.91 5.13 16.78
N GLN E 31 -39.38 6.26 17.22
CA GLN E 31 -39.35 7.46 16.41
C GLN E 31 -37.91 7.90 16.21
N ASN E 32 -37.10 7.76 17.26
CA ASN E 32 -35.67 8.09 17.24
C ASN E 32 -34.94 6.91 17.89
N PHE E 33 -33.67 6.70 17.57
CA PHE E 33 -32.90 5.61 18.19
C PHE E 33 -31.44 5.61 17.81
N THR E 34 -30.65 4.88 18.60
CA THR E 34 -29.21 4.74 18.38
C THR E 34 -28.84 3.32 18.78
N LEU E 35 -28.14 2.62 17.90
CA LEU E 35 -27.73 1.25 18.13
C LEU E 35 -26.21 1.16 17.99
N CYS E 36 -25.55 0.54 18.96
CA CYS E 36 -24.10 0.39 18.93
C CYS E 36 -23.69 -1.03 19.30
N PHE E 37 -22.63 -1.55 18.70
CA PHE E 37 -22.16 -2.88 19.01
C PHE E 37 -20.82 -3.18 18.33
N ARG E 38 -20.14 -4.23 18.79
CA ARG E 38 -18.88 -4.66 18.18
C ARG E 38 -19.11 -5.99 17.51
N ALA E 39 -18.40 -6.22 16.41
CA ALA E 39 -18.53 -7.48 15.69
C ALA E 39 -17.16 -7.85 15.15
N TYR E 40 -16.90 -9.15 15.07
CA TYR E 40 -15.64 -9.65 14.56
C TYR E 40 -15.96 -10.90 13.76
N SER E 41 -15.75 -10.84 12.45
CA SER E 41 -16.06 -11.97 11.57
C SER E 41 -15.19 -11.96 10.32
N ASP E 42 -14.90 -13.13 9.76
CA ASP E 42 -14.08 -13.21 8.56
C ASP E 42 -14.85 -13.77 7.38
N LEU E 43 -16.16 -13.57 7.45
CA LEU E 43 -17.09 -14.00 6.44
C LEU E 43 -16.92 -13.03 5.28
N SER E 44 -16.86 -13.56 4.06
CA SER E 44 -16.71 -12.69 2.90
C SER E 44 -18.06 -12.27 2.33
N ARG E 45 -19.05 -13.16 2.45
CA ARG E 45 -20.39 -12.91 1.95
C ARG E 45 -21.14 -11.90 2.78
N ALA E 46 -22.36 -11.65 2.38
CA ALA E 46 -23.19 -10.69 3.10
C ALA E 46 -23.79 -11.42 4.27
N TYR E 47 -24.16 -10.67 5.30
CA TYR E 47 -24.76 -11.27 6.47
C TYR E 47 -25.44 -10.23 7.28
N SER E 48 -26.47 -10.64 8.00
CA SER E 48 -27.22 -9.76 8.85
C SER E 48 -26.54 -9.52 10.18
N LEU E 49 -26.40 -8.27 10.55
CA LEU E 49 -25.77 -7.91 11.82
C LEU E 49 -26.81 -7.84 12.96
N PHE E 50 -27.99 -7.27 12.67
CA PHE E 50 -29.06 -7.06 13.66
C PHE E 50 -30.42 -7.07 12.98
N SER E 51 -31.24 -8.08 13.26
CA SER E 51 -32.59 -8.19 12.67
C SER E 51 -33.69 -7.81 13.66
N TYR E 52 -34.67 -7.03 13.20
CA TYR E 52 -35.76 -6.55 14.04
C TYR E 52 -37.03 -6.52 13.21
N ASN E 53 -37.90 -7.51 13.44
CA ASN E 53 -39.16 -7.62 12.73
C ASN E 53 -40.34 -7.52 13.68
N THR E 54 -41.45 -7.02 13.15
CA THR E 54 -42.68 -6.90 13.92
C THR E 54 -43.72 -7.70 13.16
N GLN E 55 -44.90 -7.84 13.77
CA GLN E 55 -45.96 -8.61 13.13
C GLN E 55 -46.37 -7.97 11.82
N GLY E 56 -46.33 -8.77 10.75
CA GLY E 56 -46.69 -8.33 9.43
C GLY E 56 -45.60 -7.64 8.62
N ARG E 57 -44.65 -7.02 9.30
CA ARG E 57 -43.57 -6.29 8.63
C ARG E 57 -42.21 -6.98 8.66
N ASP E 58 -41.64 -7.19 7.47
CA ASP E 58 -40.32 -7.80 7.34
C ASP E 58 -39.32 -6.66 7.24
N ASN E 59 -38.12 -6.83 7.77
CA ASN E 59 -37.11 -5.80 7.73
C ASN E 59 -37.64 -4.47 8.26
N GLU E 60 -38.22 -4.48 9.46
CA GLU E 60 -38.72 -3.24 10.02
C GLU E 60 -37.54 -2.37 10.39
N LEU E 61 -36.49 -3.01 10.93
CA LEU E 61 -35.23 -2.37 11.33
C LEU E 61 -34.16 -3.44 11.21
N LEU E 62 -33.32 -3.34 10.18
CA LEU E 62 -32.27 -4.32 9.88
C LEU E 62 -30.93 -3.64 9.54
N VAL E 63 -29.85 -4.04 10.21
CA VAL E 63 -28.52 -3.51 9.92
C VAL E 63 -27.87 -4.66 9.17
N TYR E 64 -27.71 -4.52 7.86
CA TYR E 64 -27.18 -5.59 7.02
C TYR E 64 -25.86 -5.20 6.38
N LYS E 65 -24.93 -6.15 6.29
CA LYS E 65 -23.64 -5.89 5.66
C LYS E 65 -23.54 -6.52 4.26
N GLU E 66 -23.56 -5.64 3.27
CA GLU E 66 -23.50 -6.00 1.85
C GLU E 66 -22.24 -6.71 1.41
N ARG E 67 -21.11 -6.14 1.79
CA ARG E 67 -19.79 -6.66 1.46
C ARG E 67 -18.80 -5.78 2.20
N VAL E 68 -17.51 -5.99 1.99
CA VAL E 68 -16.53 -5.19 2.71
C VAL E 68 -16.66 -3.69 2.50
N GLY E 69 -16.64 -2.97 3.61
CA GLY E 69 -16.72 -1.52 3.60
C GLY E 69 -18.03 -0.94 3.12
N GLU E 70 -19.09 -1.73 3.19
CA GLU E 70 -20.40 -1.31 2.73
C GLU E 70 -21.49 -1.76 3.69
N TYR E 71 -22.08 -0.80 4.41
CA TYR E 71 -23.15 -1.08 5.37
C TYR E 71 -24.53 -0.56 4.98
N SER E 72 -25.55 -1.39 5.16
CA SER E 72 -26.93 -1.01 4.83
C SER E 72 -27.79 -0.91 6.07
N LEU E 73 -28.81 -0.06 5.98
CA LEU E 73 -29.77 0.12 7.06
C LEU E 73 -31.15 0.10 6.42
N TYR E 74 -32.05 -0.70 6.98
CA TYR E 74 -33.43 -0.80 6.49
C TYR E 74 -34.36 -0.23 7.55
N ILE E 75 -35.27 0.64 7.12
CA ILE E 75 -36.27 1.20 8.03
C ILE E 75 -37.58 0.96 7.33
N GLY E 76 -38.43 0.11 7.89
CA GLY E 76 -39.68 -0.18 7.24
C GLY E 76 -39.48 -0.61 5.80
N ARG E 77 -38.70 -1.67 5.58
CA ARG E 77 -38.45 -2.19 4.23
C ARG E 77 -37.69 -1.27 3.27
N HIS E 78 -37.40 -0.03 3.68
CA HIS E 78 -36.66 0.88 2.84
C HIS E 78 -35.18 0.73 3.21
N LYS E 79 -34.30 1.13 2.30
CA LYS E 79 -32.88 0.93 2.53
C LYS E 79 -31.90 2.03 2.14
N VAL E 80 -30.84 2.19 2.93
CA VAL E 80 -29.78 3.15 2.62
C VAL E 80 -28.46 2.41 2.79
N THR E 81 -27.46 2.75 2.00
CA THR E 81 -26.16 2.09 2.09
C THR E 81 -25.05 3.12 2.10
N SER E 82 -24.05 2.94 2.96
CA SER E 82 -22.96 3.88 3.00
C SER E 82 -21.63 3.19 3.02
N LYS E 83 -20.66 3.79 2.36
CA LYS E 83 -19.35 3.20 2.26
C LYS E 83 -18.31 3.74 3.23
N VAL E 84 -17.33 2.89 3.48
CA VAL E 84 -16.23 3.19 4.38
C VAL E 84 -15.01 2.36 3.98
N ILE E 85 -13.83 2.89 4.30
CA ILE E 85 -12.57 2.20 4.03
C ILE E 85 -12.29 1.30 5.23
N GLU E 86 -12.08 0.02 5.00
CA GLU E 86 -11.80 -0.86 6.11
C GLU E 86 -11.00 -2.09 5.70
N LYS E 87 -10.26 -2.65 6.67
CA LYS E 87 -9.44 -3.85 6.43
C LYS E 87 -10.26 -5.13 6.58
N PHE E 88 -9.75 -6.23 6.06
CA PHE E 88 -10.46 -7.49 6.19
C PHE E 88 -9.51 -8.65 6.39
N PRO E 89 -9.70 -9.43 7.46
CA PRO E 89 -10.77 -9.27 8.44
C PRO E 89 -10.27 -8.39 9.55
N ALA E 90 -11.20 -7.83 10.31
CA ALA E 90 -10.85 -6.99 11.44
C ALA E 90 -12.08 -6.66 12.29
N PRO E 91 -11.88 -6.51 13.61
CA PRO E 91 -13.00 -6.19 14.50
C PRO E 91 -13.54 -4.83 14.11
N VAL E 92 -14.82 -4.59 14.41
CA VAL E 92 -15.42 -3.31 14.07
C VAL E 92 -16.37 -2.83 15.14
N HIS E 93 -16.50 -1.51 15.27
CA HIS E 93 -17.43 -0.92 16.23
C HIS E 93 -18.44 -0.11 15.42
N ILE E 94 -19.69 -0.56 15.39
CA ILE E 94 -20.75 0.08 14.63
C ILE E 94 -21.78 0.80 15.52
N CYS E 95 -22.19 1.99 15.10
CA CYS E 95 -23.24 2.77 15.79
C CYS E 95 -24.07 3.36 14.67
N VAL E 96 -25.35 3.02 14.59
CA VAL E 96 -26.20 3.57 13.57
C VAL E 96 -27.34 4.26 14.28
N SER E 97 -27.77 5.41 13.79
CA SER E 97 -28.87 6.13 14.42
C SER E 97 -29.83 6.67 13.37
N TRP E 98 -31.10 6.74 13.72
CA TRP E 98 -32.11 7.24 12.79
C TRP E 98 -33.03 8.18 13.54
N GLU E 99 -33.60 9.14 12.80
CA GLU E 99 -34.46 10.15 13.36
C GLU E 99 -35.61 10.43 12.41
N SER E 100 -36.82 10.04 12.82
CA SER E 100 -38.03 10.18 12.01
C SER E 100 -38.30 11.56 11.43
N SER E 101 -38.15 12.59 12.24
CA SER E 101 -38.42 13.95 11.78
C SER E 101 -37.71 14.34 10.49
N SER E 102 -36.42 14.05 10.40
CA SER E 102 -35.65 14.39 9.22
C SER E 102 -35.45 13.20 8.31
N GLY E 103 -35.54 12.00 8.89
CA GLY E 103 -35.34 10.76 8.14
C GLY E 103 -33.86 10.42 7.97
N ILE E 104 -33.00 11.20 8.63
CA ILE E 104 -31.54 11.07 8.56
C ILE E 104 -30.94 9.88 9.33
N ALA E 105 -30.37 8.95 8.57
CA ALA E 105 -29.69 7.77 9.11
C ALA E 105 -28.24 8.18 9.20
N GLU E 106 -27.57 7.83 10.29
CA GLU E 106 -26.18 8.21 10.51
C GLU E 106 -25.32 7.03 10.97
N PHE E 107 -24.33 6.64 10.18
CA PHE E 107 -23.47 5.53 10.57
C PHE E 107 -22.16 6.02 11.17
N TRP E 108 -21.62 5.26 12.11
CA TRP E 108 -20.34 5.61 12.74
C TRP E 108 -19.49 4.34 12.87
N ILE E 109 -18.63 4.10 11.90
CA ILE E 109 -17.76 2.94 11.91
C ILE E 109 -16.45 3.29 12.60
N ASN E 110 -16.16 2.58 13.68
CA ASN E 110 -14.95 2.80 14.48
C ASN E 110 -14.72 4.25 14.85
N GLY E 111 -15.76 4.89 15.39
CA GLY E 111 -15.64 6.28 15.79
C GLY E 111 -15.52 7.27 14.63
N THR E 112 -15.77 6.83 13.41
CA THR E 112 -15.67 7.68 12.24
C THR E 112 -17.01 7.77 11.56
N PRO E 113 -17.52 8.99 11.37
CA PRO E 113 -18.82 9.19 10.73
C PRO E 113 -18.78 8.99 9.23
N LEU E 114 -19.73 8.23 8.72
CA LEU E 114 -19.82 8.01 7.29
C LEU E 114 -20.79 9.10 6.79
N VAL E 115 -20.99 9.15 5.48
CA VAL E 115 -21.89 10.15 4.89
C VAL E 115 -23.34 9.84 5.26
N LYS E 116 -24.08 10.87 5.63
CA LYS E 116 -25.49 10.73 6.01
C LYS E 116 -26.38 10.40 4.82
N LYS E 117 -27.41 9.62 5.06
CA LYS E 117 -28.36 9.25 4.01
C LYS E 117 -29.71 9.43 4.66
N GLY E 118 -30.77 9.51 3.88
CA GLY E 118 -32.09 9.70 4.47
C GLY E 118 -33.15 8.76 3.94
N LEU E 119 -34.01 8.29 4.84
CA LEU E 119 -35.10 7.40 4.47
C LEU E 119 -36.24 7.48 5.47
N ARG E 120 -37.42 7.09 5.01
CA ARG E 120 -38.64 7.07 5.79
C ARG E 120 -38.84 8.23 6.76
N GLN E 121 -38.85 9.45 6.22
CA GLN E 121 -39.06 10.64 7.04
C GLN E 121 -40.50 10.65 7.53
N GLY E 122 -40.65 10.77 8.85
CA GLY E 122 -41.96 10.81 9.46
C GLY E 122 -42.60 9.44 9.69
N TYR E 123 -41.79 8.39 9.67
CA TYR E 123 -42.28 7.03 9.88
C TYR E 123 -42.01 6.69 11.34
N PHE E 124 -42.65 5.63 11.81
CA PHE E 124 -42.47 5.14 13.18
C PHE E 124 -42.23 3.65 13.07
N VAL E 125 -41.12 3.17 13.60
CA VAL E 125 -40.84 1.74 13.53
C VAL E 125 -41.74 1.09 14.57
N GLU E 126 -42.50 0.10 14.13
CA GLU E 126 -43.43 -0.56 15.01
C GLU E 126 -42.83 -1.09 16.29
N ALA E 127 -43.63 -1.09 17.35
CA ALA E 127 -43.18 -1.57 18.65
C ALA E 127 -43.50 -3.04 18.77
N GLN E 128 -43.09 -3.65 19.89
CA GLN E 128 -43.31 -5.08 20.14
C GLN E 128 -42.72 -5.88 19.01
N PRO E 129 -41.38 -5.82 18.87
CA PRO E 129 -40.59 -6.49 17.85
C PRO E 129 -40.07 -7.87 18.23
N LYS E 130 -39.43 -8.50 17.27
CA LYS E 130 -38.81 -9.79 17.41
C LYS E 130 -37.39 -9.50 16.96
N ILE E 131 -36.48 -9.35 17.91
CA ILE E 131 -35.08 -9.04 17.63
C ILE E 131 -34.15 -10.26 17.71
N VAL E 132 -33.61 -10.71 16.59
CA VAL E 132 -32.68 -11.83 16.65
C VAL E 132 -31.25 -11.45 16.24
N LEU E 133 -30.29 -12.17 16.81
CA LEU E 133 -28.89 -11.96 16.52
C LEU E 133 -28.41 -13.25 15.92
N GLY E 134 -27.62 -13.17 14.86
CA GLY E 134 -27.11 -14.38 14.23
C GLY E 134 -27.86 -14.93 13.04
N GLN E 135 -29.06 -14.43 12.79
CA GLN E 135 -29.85 -14.88 11.64
C GLN E 135 -30.63 -13.70 11.08
N GLU E 136 -31.18 -13.88 9.88
CA GLU E 136 -31.97 -12.82 9.29
C GLU E 136 -33.41 -13.32 9.14
N GLN E 137 -34.30 -12.68 9.90
CA GLN E 137 -35.70 -13.02 9.90
C GLN E 137 -36.44 -12.59 8.63
N ASP E 138 -37.26 -13.49 8.10
CA ASP E 138 -38.08 -13.17 6.95
C ASP E 138 -39.54 -13.33 7.38
N SER E 139 -39.73 -13.56 8.68
CA SER E 139 -41.04 -13.72 9.30
C SER E 139 -40.88 -13.23 10.74
N TYR E 140 -41.96 -13.22 11.52
CA TYR E 140 -41.88 -12.73 12.90
C TYR E 140 -41.11 -13.67 13.82
N GLY E 141 -39.78 -13.52 13.82
CA GLY E 141 -38.94 -14.36 14.64
C GLY E 141 -38.46 -15.61 13.95
N GLY E 142 -38.75 -15.76 12.65
CA GLY E 142 -38.33 -16.96 11.94
C GLY E 142 -37.95 -16.83 10.49
N LYS E 143 -38.13 -17.93 9.75
CA LYS E 143 -37.81 -18.06 8.34
C LYS E 143 -36.41 -17.55 8.02
N PHE E 144 -35.42 -18.19 8.63
CA PHE E 144 -34.02 -17.84 8.45
C PHE E 144 -33.41 -18.35 7.15
N ASP E 145 -32.55 -17.55 6.54
CA ASP E 145 -31.79 -17.89 5.37
C ASP E 145 -30.35 -18.22 5.71
N ARG E 146 -29.86 -19.37 5.33
CA ARG E 146 -28.51 -19.77 5.71
C ARG E 146 -27.45 -18.83 5.17
N SER E 147 -27.67 -18.38 3.93
CA SER E 147 -26.73 -17.49 3.26
C SER E 147 -26.67 -16.08 3.83
N GLN E 148 -27.44 -15.82 4.89
CA GLN E 148 -27.42 -14.50 5.51
C GLN E 148 -27.01 -14.62 6.96
N SER E 149 -26.72 -15.85 7.39
CA SER E 149 -26.32 -16.12 8.77
C SER E 149 -24.98 -15.49 9.12
N PHE E 150 -24.89 -14.96 10.32
CA PHE E 150 -23.67 -14.33 10.79
C PHE E 150 -22.87 -15.34 11.55
N VAL E 151 -21.60 -15.47 11.24
CA VAL E 151 -20.76 -16.38 11.99
C VAL E 151 -19.55 -15.59 12.40
N GLY E 152 -19.36 -15.46 13.71
CA GLY E 152 -18.27 -14.69 14.25
C GLY E 152 -18.66 -14.31 15.66
N GLU E 153 -18.21 -13.17 16.14
CA GLU E 153 -18.48 -12.77 17.52
C GLU E 153 -19.17 -11.40 17.62
N ILE E 154 -20.06 -11.22 18.57
CA ILE E 154 -20.74 -9.93 18.76
C ILE E 154 -20.74 -9.59 20.24
N GLY E 155 -20.50 -8.33 20.56
CA GLY E 155 -20.48 -7.92 21.94
C GLY E 155 -20.82 -6.46 22.09
N ASP E 156 -20.85 -5.98 23.32
CA ASP E 156 -21.15 -4.59 23.63
C ASP E 156 -22.34 -3.94 22.90
N LEU E 157 -23.46 -4.66 22.85
CA LEU E 157 -24.67 -4.16 22.22
C LEU E 157 -25.43 -3.26 23.20
N TYR E 158 -25.83 -2.08 22.72
CA TYR E 158 -26.60 -1.08 23.47
C TYR E 158 -27.55 -0.38 22.50
N MET E 159 -28.75 -0.04 22.97
CA MET E 159 -29.71 0.64 22.12
C MET E 159 -30.50 1.64 22.91
N TRP E 160 -30.36 2.90 22.54
CA TRP E 160 -31.08 3.97 23.21
C TRP E 160 -32.27 4.39 22.36
N ASP E 161 -33.20 5.11 22.96
CA ASP E 161 -34.37 5.57 22.22
C ASP E 161 -34.20 7.00 21.73
N SER E 162 -33.00 7.55 21.89
CA SER E 162 -32.73 8.89 21.44
C SER E 162 -31.59 8.85 20.43
N VAL E 163 -31.34 9.98 19.79
CA VAL E 163 -30.25 10.04 18.83
C VAL E 163 -29.02 10.62 19.54
N LEU E 164 -28.05 9.76 19.83
CA LEU E 164 -26.84 10.17 20.55
C LEU E 164 -25.95 11.14 19.77
N PRO E 165 -25.37 12.11 20.47
CA PRO E 165 -24.47 13.13 19.89
C PRO E 165 -23.07 12.54 19.77
N PRO E 166 -22.21 13.15 18.93
CA PRO E 166 -20.84 12.66 18.73
C PRO E 166 -20.08 12.23 19.98
N GLU E 167 -20.13 13.03 21.04
CA GLU E 167 -19.41 12.70 22.27
C GLU E 167 -19.84 11.35 22.80
N ASN E 168 -21.15 11.11 22.82
CA ASN E 168 -21.72 9.86 23.33
C ASN E 168 -21.42 8.63 22.50
N ILE E 169 -21.20 8.84 21.20
CA ILE E 169 -20.87 7.78 20.26
C ILE E 169 -19.43 7.34 20.58
N LEU E 170 -18.52 8.30 20.59
CA LEU E 170 -17.12 8.04 20.88
C LEU E 170 -16.90 7.41 22.25
N SER E 171 -17.72 7.76 23.23
CA SER E 171 -17.57 7.17 24.55
C SER E 171 -17.88 5.68 24.46
N ALA E 172 -18.98 5.36 23.79
CA ALA E 172 -19.41 3.97 23.61
C ALA E 172 -18.30 3.20 22.93
N TYR E 173 -17.70 3.84 21.93
CA TYR E 173 -16.62 3.27 21.17
C TYR E 173 -15.38 3.06 22.04
N GLN E 174 -15.16 3.99 22.97
CA GLN E 174 -14.01 3.92 23.88
C GLN E 174 -14.22 3.02 25.08
N GLY E 175 -15.41 2.44 25.19
CA GLY E 175 -15.67 1.53 26.29
C GLY E 175 -16.40 2.07 27.50
N THR E 176 -16.86 3.31 27.43
CA THR E 176 -17.58 3.90 28.55
C THR E 176 -18.90 4.47 28.05
N PRO E 177 -19.81 3.60 27.57
CA PRO E 177 -21.12 3.99 27.05
C PRO E 177 -22.11 4.55 28.06
N LEU E 178 -23.04 5.34 27.56
CA LEU E 178 -24.09 5.89 28.41
C LEU E 178 -25.03 4.74 28.63
N PRO E 179 -25.76 4.74 29.75
CA PRO E 179 -26.69 3.65 30.03
C PRO E 179 -27.78 3.64 28.99
N ALA E 180 -28.02 2.47 28.39
CA ALA E 180 -29.03 2.35 27.36
C ALA E 180 -30.37 2.00 27.99
N ASN E 181 -31.45 2.42 27.32
CA ASN E 181 -32.80 2.14 27.82
C ASN E 181 -33.65 1.16 27.01
N ILE E 182 -33.21 0.79 25.80
CA ILE E 182 -33.98 -0.18 25.02
C ILE E 182 -33.31 -1.56 25.08
N LEU E 183 -31.98 -1.58 25.09
CA LEU E 183 -31.20 -2.82 25.15
C LEU E 183 -29.88 -2.45 25.82
N ASP E 184 -29.51 -3.16 26.88
CA ASP E 184 -28.26 -2.86 27.60
C ASP E 184 -27.45 -4.14 27.83
N TRP E 185 -26.19 -4.12 27.39
CA TRP E 185 -25.30 -5.27 27.52
C TRP E 185 -25.05 -5.69 28.97
N GLN E 186 -25.11 -4.71 29.87
CA GLN E 186 -24.89 -4.94 31.29
C GLN E 186 -26.13 -5.39 32.04
N ALA E 187 -27.19 -5.67 31.30
CA ALA E 187 -28.44 -6.10 31.89
C ALA E 187 -29.28 -6.61 30.73
N LEU E 188 -28.74 -7.60 30.02
CA LEU E 188 -29.37 -8.17 28.85
C LEU E 188 -30.36 -9.30 29.12
N ASN E 189 -31.45 -9.30 28.36
CA ASN E 189 -32.47 -10.31 28.50
C ASN E 189 -32.48 -11.11 27.20
N TYR E 190 -31.75 -12.21 27.17
CA TYR E 190 -31.66 -12.99 25.94
C TYR E 190 -32.10 -14.43 26.01
N GLU E 191 -32.04 -15.12 24.88
CA GLU E 191 -32.40 -16.52 24.81
C GLU E 191 -31.57 -17.20 23.76
N ILE E 192 -30.52 -17.88 24.18
CA ILE E 192 -29.69 -18.60 23.22
C ILE E 192 -30.50 -19.75 22.62
N ARG E 193 -30.41 -19.94 21.32
CA ARG E 193 -31.16 -20.99 20.65
C ARG E 193 -30.25 -21.63 19.61
N GLY E 194 -29.81 -22.85 19.85
CA GLY E 194 -28.93 -23.52 18.93
C GLY E 194 -27.52 -23.45 19.48
N TYR E 195 -26.52 -23.62 18.61
CA TYR E 195 -25.13 -23.60 19.04
C TYR E 195 -24.53 -22.19 19.11
N VAL E 196 -24.53 -21.60 20.29
CA VAL E 196 -23.91 -20.29 20.48
C VAL E 196 -23.32 -20.22 21.86
N ILE E 197 -21.99 -20.05 21.91
CA ILE E 197 -21.20 -20.00 23.13
C ILE E 197 -20.92 -18.59 23.62
N ILE E 198 -20.79 -18.40 24.93
CA ILE E 198 -20.47 -17.09 25.49
C ILE E 198 -19.04 -17.20 25.97
N LYS E 199 -18.22 -16.25 25.54
CA LYS E 199 -16.82 -16.25 25.91
C LYS E 199 -16.42 -14.81 26.19
N PRO E 200 -15.24 -14.64 26.78
CA PRO E 200 -14.81 -13.27 27.07
C PRO E 200 -14.31 -12.54 25.82
N LEU E 201 -14.42 -11.21 25.87
CA LEU E 201 -13.99 -10.37 24.76
C LEU E 201 -12.48 -10.21 24.81
N VAL E 202 -11.79 -10.96 23.96
CA VAL E 202 -10.33 -10.93 23.92
C VAL E 202 -9.74 -10.01 22.85
N TRP E 203 -10.55 -9.60 21.87
CA TRP E 203 -10.07 -8.75 20.78
C TRP E 203 -10.26 -7.26 20.88
N VAL E 204 -10.44 -6.76 22.09
CA VAL E 204 -10.59 -5.34 22.29
C VAL E 204 -9.68 -4.93 23.43
#